data_6FCO
#
_entry.id   6FCO
#
_cell.length_a   89.058
_cell.length_b   89.058
_cell.length_c   185.620
_cell.angle_alpha   90.00
_cell.angle_beta   90.00
_cell.angle_gamma   90.00
#
_symmetry.space_group_name_H-M   'P 41 21 2'
#
loop_
_entity.id
_entity.type
_entity.pdbx_description
1 polymer 'Mitochondrial frataxin-like protein'
2 non-polymer 'MALONIC ACID'
3 water water
#
_entity_poly.entity_id   1
_entity_poly.type   'polypeptide(L)'
_entity_poly.pdbx_seq_one_letter_code
;SMADITTAEYHRLADEYLDALLSRLEELQDEREDVDVEYQSGVLTLNMGPEVGTYVINKQPPNKQIWLSSPKSGPKRYDY
VITGEGQNEKQDTAVGEWVYLRDGSTLNQLLLEEIGVDLNVPVSQD
;
_entity_poly.pdbx_strand_id   A,B,C,D,E,F
#
loop_
_chem_comp.id
_chem_comp.type
_chem_comp.name
_chem_comp.formula
MLA non-polymer 'MALONIC ACID' 'C3 H4 O4'
#
# COMPACT_ATOMS: atom_id res chain seq x y z
N SER A 1 2.03 14.93 -12.43
CA SER A 1 2.33 15.37 -11.08
C SER A 1 3.04 16.69 -11.09
N MET A 2 3.84 16.93 -10.07
CA MET A 2 4.54 18.17 -10.08
C MET A 2 4.99 18.67 -11.44
N ALA A 3 5.57 17.88 -12.35
CA ALA A 3 6.15 18.53 -13.56
C ALA A 3 5.11 18.88 -14.62
N ASP A 4 5.23 20.06 -15.21
CA ASP A 4 4.27 20.53 -16.22
C ASP A 4 4.85 20.19 -17.58
N ILE A 5 4.51 19.02 -18.12
CA ILE A 5 5.16 18.54 -19.32
C ILE A 5 4.11 18.13 -20.35
N THR A 6 4.46 18.24 -21.61
CA THR A 6 3.60 17.78 -22.68
C THR A 6 3.78 16.28 -22.87
N THR A 7 2.90 15.69 -23.66
CA THR A 7 2.99 14.28 -23.97
C THR A 7 4.30 13.97 -24.68
N ALA A 8 4.71 14.82 -25.61
CA ALA A 8 5.98 14.65 -26.33
C ALA A 8 7.16 14.74 -25.38
N GLU A 9 7.11 15.66 -24.42
CA GLU A 9 8.16 15.78 -23.41
C GLU A 9 8.21 14.54 -22.49
N TYR A 10 7.02 14.05 -22.11
CA TYR A 10 6.91 12.82 -21.34
C TYR A 10 7.60 11.68 -22.06
N HIS A 11 7.30 11.49 -23.34
CA HIS A 11 7.88 10.38 -24.09
C HIS A 11 9.40 10.43 -24.12
N ARG A 12 9.95 11.63 -24.28
CA ARG A 12 11.41 11.81 -24.28
C ARG A 12 12.00 11.46 -22.92
N LEU A 13 11.41 12.02 -21.85
CA LEU A 13 11.89 11.74 -20.50
C LEU A 13 11.81 10.25 -20.17
N ALA A 14 10.68 9.63 -20.50
CA ALA A 14 10.47 8.23 -20.14
C ALA A 14 11.38 7.35 -20.95
N ASP A 15 11.52 7.65 -22.24
CA ASP A 15 12.41 6.84 -23.10
C ASP A 15 13.86 6.94 -22.66
N GLU A 16 14.30 8.14 -22.32
CA GLU A 16 15.66 8.32 -21.79
C GLU A 16 15.90 7.49 -20.52
N TYR A 17 14.97 7.58 -19.57
CA TYR A 17 15.08 6.81 -18.33
C TYR A 17 15.11 5.29 -18.56
N LEU A 18 14.20 4.78 -19.37
CA LEU A 18 14.10 3.35 -19.59
C LEU A 18 15.27 2.80 -20.43
N ASP A 19 15.79 3.61 -21.36
CA ASP A 19 17.02 3.27 -22.08
C ASP A 19 18.22 3.12 -21.12
N ALA A 20 18.38 4.08 -20.20
CA ALA A 20 19.40 3.96 -19.18
C ALA A 20 19.18 2.74 -18.29
N LEU A 21 17.94 2.49 -17.90
CA LEU A 21 17.63 1.34 -17.05
C LEU A 21 17.94 0.06 -17.78
N LEU A 22 17.52 -0.03 -19.03
CA LEU A 22 17.79 -1.20 -19.85
C LEU A 22 19.27 -1.55 -19.91
N SER A 23 20.12 -0.56 -20.18
CA SER A 23 21.56 -0.88 -20.30
C SER A 23 22.17 -1.33 -18.97
N ARG A 24 21.76 -0.72 -17.84
CA ARG A 24 22.10 -1.25 -16.51
C ARG A 24 21.61 -2.69 -16.31
N LEU A 25 20.40 -3.01 -16.76
CA LEU A 25 19.89 -4.37 -16.57
C LEU A 25 20.51 -5.37 -17.54
N GLU A 26 20.87 -4.93 -18.74
CA GLU A 26 21.67 -5.77 -19.65
C GLU A 26 23.02 -6.18 -19.03
N GLU A 27 23.69 -5.29 -18.30
CA GLU A 27 24.90 -5.68 -17.55
C GLU A 27 24.58 -6.79 -16.56
N LEU A 28 23.50 -6.61 -15.81
CA LEU A 28 23.05 -7.59 -14.82
C LEU A 28 22.69 -8.95 -15.46
N GLN A 29 22.06 -8.88 -16.62
CA GLN A 29 21.72 -10.06 -17.40
C GLN A 29 22.96 -10.90 -17.76
N ASP A 30 24.04 -10.23 -18.14
CA ASP A 30 25.30 -10.91 -18.52
C ASP A 30 25.97 -11.59 -17.35
N GLU A 31 25.90 -10.98 -16.16
CA GLU A 31 26.58 -11.53 -14.99
C GLU A 31 25.79 -12.64 -14.29
N ARG A 32 24.47 -12.71 -14.46
CA ARG A 32 23.65 -13.66 -13.76
C ARG A 32 22.92 -14.59 -14.69
N GLU A 33 22.97 -15.88 -14.34
CA GLU A 33 22.31 -16.94 -15.10
C GLU A 33 20.77 -16.87 -15.03
N ASP A 34 20.23 -16.33 -13.93
CA ASP A 34 18.78 -16.27 -13.71
C ASP A 34 18.05 -15.02 -14.21
N VAL A 35 18.79 -14.03 -14.71
CA VAL A 35 18.23 -12.73 -15.06
C VAL A 35 18.08 -12.61 -16.57
N ASP A 36 16.87 -12.33 -17.05
CA ASP A 36 16.63 -12.01 -18.47
C ASP A 36 15.87 -10.72 -18.57
N VAL A 37 16.29 -9.84 -19.49
CA VAL A 37 15.67 -8.55 -19.70
C VAL A 37 15.22 -8.45 -21.13
N GLU A 38 14.03 -7.89 -21.36
CA GLU A 38 13.53 -7.60 -22.70
C GLU A 38 12.94 -6.18 -22.66
N TYR A 39 12.92 -5.55 -23.83
CA TYR A 39 12.33 -4.23 -23.96
C TYR A 39 11.69 -4.11 -25.33
N GLN A 40 10.39 -3.89 -25.37
CA GLN A 40 9.69 -3.70 -26.65
C GLN A 40 8.48 -2.79 -26.42
N SER A 41 8.37 -1.75 -27.24
CA SER A 41 7.15 -0.94 -27.32
C SER A 41 6.77 -0.34 -25.96
N GLY A 42 7.77 0.22 -25.29
CA GLY A 42 7.53 0.90 -24.00
C GLY A 42 7.38 -0.01 -22.81
N VAL A 43 7.61 -1.31 -22.95
CA VAL A 43 7.45 -2.26 -21.87
C VAL A 43 8.77 -2.97 -21.60
N LEU A 44 9.30 -2.79 -20.40
CA LEU A 44 10.51 -3.45 -19.96
C LEU A 44 10.16 -4.64 -19.08
N THR A 45 10.64 -5.82 -19.47
CA THR A 45 10.40 -7.07 -18.75
C THR A 45 11.68 -7.52 -18.09
N LEU A 46 11.62 -7.84 -16.80
CA LEU A 46 12.77 -8.31 -16.08
C LEU A 46 12.41 -9.57 -15.34
N ASN A 47 12.78 -10.70 -15.92
CA ASN A 47 12.62 -11.99 -15.27
C ASN A 47 13.82 -12.29 -14.38
N MET A 48 13.63 -12.28 -13.07
CA MET A 48 14.69 -12.56 -12.11
C MET A 48 14.76 -14.04 -11.73
N GLY A 49 14.08 -14.89 -12.46
CA GLY A 49 14.12 -16.32 -12.18
C GLY A 49 12.99 -16.83 -11.34
N PRO A 50 12.95 -18.15 -11.13
CA PRO A 50 11.79 -18.85 -10.58
C PRO A 50 11.51 -18.58 -9.11
N GLU A 51 12.54 -18.22 -8.34
CA GLU A 51 12.36 -17.88 -6.91
C GLU A 51 11.96 -16.41 -6.72
N VAL A 52 12.57 -15.50 -7.46
CA VAL A 52 12.26 -14.06 -7.36
C VAL A 52 10.96 -13.67 -8.08
N GLY A 53 10.84 -14.03 -9.35
CA GLY A 53 9.69 -13.68 -10.17
C GLY A 53 10.03 -12.67 -11.23
N THR A 54 8.99 -12.07 -11.81
CA THR A 54 9.10 -11.21 -12.93
C THR A 54 8.62 -9.79 -12.63
N TYR A 55 9.42 -8.80 -13.02
CA TYR A 55 9.12 -7.39 -12.90
C TYR A 55 8.61 -6.94 -14.25
N VAL A 56 7.60 -6.08 -14.24
CA VAL A 56 7.22 -5.35 -15.45
C VAL A 56 7.25 -3.86 -15.17
N ILE A 57 7.88 -3.12 -16.08
CA ILE A 57 7.97 -1.67 -15.99
C ILE A 57 7.56 -1.11 -17.35
N ASN A 58 6.50 -0.31 -17.40
CA ASN A 58 5.93 0.11 -18.69
C ASN A 58 5.49 1.54 -18.69
N LYS A 59 5.70 2.19 -19.84
CA LYS A 59 5.07 3.48 -20.09
C LYS A 59 3.55 3.33 -20.09
N GLN A 60 2.87 4.29 -19.48
CA GLN A 60 1.43 4.43 -19.56
C GLN A 60 1.16 5.83 -20.09
N PRO A 61 1.25 6.01 -21.42
CA PRO A 61 1.26 7.36 -22.02
C PRO A 61 0.07 8.27 -21.70
N PRO A 62 -1.19 7.76 -21.69
CA PRO A 62 -2.31 8.63 -21.34
C PRO A 62 -2.20 9.31 -19.98
N ASN A 63 -1.48 8.71 -19.03
CA ASN A 63 -1.32 9.28 -17.67
C ASN A 63 0.03 9.99 -17.54
N LYS A 64 0.88 9.94 -18.57
CA LYS A 64 2.25 10.42 -18.48
C LYS A 64 3.00 9.83 -17.27
N GLN A 65 2.84 8.52 -17.08
CA GLN A 65 3.42 7.80 -15.94
C GLN A 65 4.22 6.64 -16.44
N ILE A 66 5.06 6.12 -15.55
CA ILE A 66 5.65 4.82 -15.70
C ILE A 66 5.05 3.93 -14.62
N TRP A 67 4.54 2.79 -15.00
CA TRP A 67 3.84 1.88 -14.11
C TRP A 67 4.78 0.71 -13.85
N LEU A 68 4.63 0.11 -12.69
CA LEU A 68 5.51 -0.94 -12.25
C LEU A 68 4.72 -2.04 -11.60
N SER A 69 5.17 -3.27 -11.81
CA SER A 69 4.68 -4.42 -11.12
C SER A 69 5.87 -5.18 -10.56
N SER A 70 5.90 -5.39 -9.25
CA SER A 70 7.00 -6.08 -8.58
C SER A 70 6.48 -7.34 -7.88
N PRO A 71 7.23 -8.45 -8.02
CA PRO A 71 6.90 -9.67 -7.30
C PRO A 71 7.16 -9.59 -5.80
N LYS A 72 7.92 -8.61 -5.32
CA LYS A 72 8.17 -8.43 -3.89
C LYS A 72 7.22 -7.47 -3.26
N SER A 73 6.82 -6.43 -3.99
CA SER A 73 6.04 -5.35 -3.39
C SER A 73 4.78 -4.89 -4.16
N GLY A 74 4.46 -5.55 -5.27
CA GLY A 74 3.21 -5.27 -5.97
C GLY A 74 3.25 -4.09 -6.92
N PRO A 75 2.08 -3.51 -7.21
CA PRO A 75 1.99 -2.48 -8.25
C PRO A 75 2.19 -1.06 -7.76
N LYS A 76 2.81 -0.23 -8.59
CA LYS A 76 3.04 1.19 -8.27
C LYS A 76 3.00 2.00 -9.56
N ARG A 77 2.77 3.28 -9.45
CA ARG A 77 2.67 4.18 -10.58
C ARG A 77 3.46 5.44 -10.31
N TYR A 78 4.35 5.76 -11.24
CA TYR A 78 5.33 6.85 -11.05
C TYR A 78 4.99 8.05 -11.89
N ASP A 79 4.89 9.19 -11.28
CA ASP A 79 4.79 10.50 -11.96
C ASP A 79 6.16 11.17 -12.06
N TYR A 80 6.33 12.01 -13.08
CA TYR A 80 7.53 12.82 -13.22
C TYR A 80 7.37 14.08 -12.39
N VAL A 81 8.17 14.19 -11.33
CA VAL A 81 8.02 15.18 -10.27
C VAL A 81 9.32 15.94 -10.11
N ILE A 82 9.26 17.26 -9.93
CA ILE A 82 10.43 18.09 -9.62
C ILE A 82 10.73 18.12 -8.11
N THR A 83 11.83 17.49 -7.74
CA THR A 83 12.23 17.33 -6.35
C THR A 83 13.35 18.29 -5.96
N GLY A 84 14.11 18.79 -6.94
CA GLY A 84 15.24 19.70 -6.71
C GLY A 84 15.15 20.89 -7.62
N GLU A 85 15.42 22.08 -7.07
CA GLU A 85 15.31 23.32 -7.83
C GLU A 85 16.53 23.54 -8.73
N GLY A 86 17.69 22.94 -8.43
CA GLY A 86 18.91 23.10 -9.25
C GLY A 86 19.55 24.48 -9.08
N GLN A 87 20.02 25.04 -10.19
CA GLN A 87 20.79 26.31 -10.21
C GLN A 87 20.04 27.69 -10.03
N ASN A 88 18.75 27.67 -10.37
CA ASN A 88 17.95 28.88 -10.56
C ASN A 88 16.50 28.66 -10.05
N GLU A 89 15.67 29.69 -10.25
CA GLU A 89 14.19 29.52 -10.20
C GLU A 89 13.66 29.00 -11.53
N LYS A 90 14.48 29.03 -12.59
CA LYS A 90 14.16 28.42 -13.88
C LYS A 90 13.79 26.91 -13.82
N GLN A 91 12.76 26.57 -14.58
CA GLN A 91 12.28 25.17 -14.70
C GLN A 91 13.25 24.28 -15.49
N ASP A 92 14.08 24.89 -16.34
CA ASP A 92 15.13 24.15 -17.08
C ASP A 92 16.38 23.77 -16.24
N THR A 93 16.45 24.27 -15.01
CA THR A 93 17.50 23.88 -14.03
C THR A 93 16.98 22.88 -12.99
N ALA A 94 15.66 22.65 -12.95
CA ALA A 94 15.06 21.72 -11.98
C ALA A 94 15.51 20.28 -12.24
N VAL A 95 15.67 19.51 -11.15
CA VAL A 95 15.97 18.09 -11.23
C VAL A 95 14.66 17.36 -11.01
N GLY A 96 14.31 16.51 -11.98
CA GLY A 96 13.07 15.73 -11.92
C GLY A 96 13.33 14.25 -11.67
N GLU A 97 12.39 13.62 -10.97
CA GLU A 97 12.47 12.22 -10.62
C GLU A 97 11.11 11.51 -10.85
N TRP A 98 11.17 10.20 -10.98
CA TRP A 98 9.99 9.36 -11.09
C TRP A 98 9.56 8.93 -9.70
N VAL A 99 8.42 9.45 -9.25
CA VAL A 99 7.98 9.34 -7.87
C VAL A 99 6.58 8.68 -7.79
N TYR A 100 6.44 7.77 -6.83
CA TYR A 100 5.18 7.20 -6.47
C TYR A 100 4.51 8.12 -5.46
N LEU A 101 3.53 8.88 -5.91
CA LEU A 101 2.94 9.92 -5.06
C LEU A 101 2.17 9.42 -3.85
N ARG A 102 1.79 8.15 -3.81
CA ARG A 102 1.21 7.60 -2.60
C ARG A 102 2.14 7.68 -1.39
N ASP A 103 3.45 7.54 -1.57
CA ASP A 103 4.39 7.60 -0.42
C ASP A 103 5.58 8.47 -0.63
N GLY A 104 5.72 9.09 -1.79
CA GLY A 104 6.86 9.91 -2.08
C GLY A 104 8.14 9.18 -2.47
N SER A 105 8.10 7.85 -2.57
CA SER A 105 9.31 7.08 -2.93
C SER A 105 9.59 7.16 -4.43
N THR A 106 10.87 6.97 -4.78
CA THR A 106 11.30 7.01 -6.15
C THR A 106 11.42 5.60 -6.74
N LEU A 107 11.32 5.54 -8.06
CA LEU A 107 11.53 4.29 -8.76
C LEU A 107 13.00 3.81 -8.60
N ASN A 108 13.93 4.76 -8.66
CA ASN A 108 15.37 4.44 -8.40
C ASN A 108 15.54 3.73 -7.05
N GLN A 109 14.88 4.25 -6.01
CA GLN A 109 15.00 3.66 -4.67
C GLN A 109 14.46 2.23 -4.63
N LEU A 110 13.33 1.98 -5.28
CA LEU A 110 12.79 0.63 -5.31
C LEU A 110 13.76 -0.35 -5.98
N LEU A 111 14.31 0.06 -7.12
CA LEU A 111 15.25 -0.79 -7.85
C LEU A 111 16.50 -1.08 -7.02
N LEU A 112 16.97 -0.07 -6.29
CA LEU A 112 18.14 -0.26 -5.45
C LEU A 112 17.84 -1.29 -4.35
N GLU A 113 16.74 -1.08 -3.64
CA GLU A 113 16.38 -1.94 -2.52
C GLU A 113 16.05 -3.37 -2.90
N GLU A 114 15.36 -3.55 -4.02
CA GLU A 114 14.86 -4.86 -4.37
C GLU A 114 15.81 -5.66 -5.22
N ILE A 115 16.47 -5.01 -6.16
CA ILE A 115 17.25 -5.64 -7.23
C ILE A 115 18.77 -5.34 -7.07
N GLY A 116 19.13 -4.38 -6.22
CA GLY A 116 20.53 -4.00 -6.06
C GLY A 116 21.09 -3.23 -7.23
N VAL A 117 20.25 -2.55 -8.00
CA VAL A 117 20.64 -1.82 -9.14
C VAL A 117 20.55 -0.34 -8.76
N ASP A 118 21.62 0.37 -9.02
CA ASP A 118 21.74 1.76 -8.65
C ASP A 118 21.80 2.55 -9.96
N LEU A 119 20.74 3.28 -10.27
CA LEU A 119 20.65 4.03 -11.51
C LEU A 119 21.21 5.45 -11.46
N MET B 2 22.82 -6.90 -1.49
CA MET B 2 22.34 -8.11 -0.86
C MET B 2 23.07 -9.37 -1.32
N ALA B 3 23.41 -10.20 -0.36
CA ALA B 3 24.24 -11.39 -0.57
C ALA B 3 23.58 -12.45 -1.46
N ASP B 4 24.42 -13.11 -2.24
CA ASP B 4 24.00 -14.16 -3.16
C ASP B 4 24.00 -15.51 -2.43
N ILE B 5 22.87 -15.88 -1.89
CA ILE B 5 22.73 -17.04 -1.05
C ILE B 5 21.56 -17.87 -1.52
N THR B 6 21.65 -19.18 -1.32
CA THR B 6 20.57 -20.07 -1.66
C THR B 6 19.56 -20.07 -0.51
N THR B 7 18.41 -20.68 -0.77
CA THR B 7 17.37 -20.82 0.23
C THR B 7 17.89 -21.59 1.45
N ALA B 8 18.64 -22.66 1.21
CA ALA B 8 19.22 -23.45 2.30
C ALA B 8 20.22 -22.64 3.11
N GLU B 9 21.02 -21.83 2.42
CA GLU B 9 21.96 -20.95 3.11
C GLU B 9 21.24 -19.87 3.93
N TYR B 10 20.18 -19.31 3.36
CA TYR B 10 19.31 -18.37 4.06
C TYR B 10 18.80 -18.97 5.36
N HIS B 11 18.27 -20.18 5.30
CA HIS B 11 17.70 -20.82 6.51
C HIS B 11 18.72 -20.97 7.62
N ARG B 12 19.96 -21.35 7.24
CA ARG B 12 21.02 -21.51 8.21
C ARG B 12 21.38 -20.15 8.84
N LEU B 13 21.58 -19.14 7.99
CA LEU B 13 21.93 -17.82 8.47
C LEU B 13 20.84 -17.25 9.36
N ALA B 14 19.59 -17.38 8.95
CA ALA B 14 18.47 -16.81 9.71
C ALA B 14 18.31 -17.51 11.00
N ASP B 15 18.41 -18.85 10.98
CA ASP B 15 18.24 -19.62 12.21
C ASP B 15 19.34 -19.28 13.23
N GLU B 16 20.58 -19.19 12.74
CA GLU B 16 21.69 -18.80 13.60
C GLU B 16 21.47 -17.43 14.27
N TYR B 17 21.08 -16.45 13.46
CA TYR B 17 20.82 -15.10 13.98
C TYR B 17 19.69 -15.06 14.99
N LEU B 18 18.58 -15.71 14.70
CA LEU B 18 17.42 -15.65 15.58
C LEU B 18 17.64 -16.44 16.88
N ASP B 19 18.41 -17.54 16.80
CA ASP B 19 18.83 -18.26 18.01
C ASP B 19 19.68 -17.36 18.95
N ALA B 20 20.64 -16.63 18.37
CA ALA B 20 21.41 -15.67 19.15
C ALA B 20 20.52 -14.56 19.72
N LEU B 21 19.60 -14.05 18.90
CA LEU B 21 18.70 -13.00 19.37
C LEU B 21 17.81 -13.50 20.49
N LEU B 22 17.26 -14.69 20.32
CA LEU B 22 16.42 -15.30 21.34
C LEU B 22 17.11 -15.39 22.69
N SER B 23 18.35 -15.86 22.72
CA SER B 23 19.02 -16.00 24.03
C SER B 23 19.29 -14.64 24.69
N ARG B 24 19.68 -13.62 23.91
CA ARG B 24 19.69 -12.25 24.42
C ARG B 24 18.32 -11.77 24.96
N LEU B 25 17.24 -12.10 24.28
CA LEU B 25 15.92 -11.65 24.72
C LEU B 25 15.41 -12.48 25.94
N GLU B 26 15.79 -13.76 26.00
CA GLU B 26 15.52 -14.54 27.21
C GLU B 26 16.18 -13.94 28.47
N GLU B 27 17.40 -13.41 28.36
CA GLU B 27 18.00 -12.67 29.48
C GLU B 27 17.13 -11.49 29.89
N LEU B 28 16.68 -10.72 28.89
CA LEU B 28 15.82 -9.55 29.11
C LEU B 28 14.48 -9.95 29.77
N GLN B 29 13.93 -11.08 29.32
CA GLN B 29 12.71 -11.62 29.91
C GLN B 29 12.82 -11.85 31.43
N ASP B 30 13.97 -12.39 31.86
CA ASP B 30 14.20 -12.67 33.28
C ASP B 30 14.34 -11.40 34.12
N GLU B 31 14.96 -10.39 33.55
CA GLU B 31 15.28 -9.16 34.28
C GLU B 31 14.19 -8.11 34.29
N ARG B 32 13.20 -8.21 33.38
CA ARG B 32 12.09 -7.26 33.34
C ARG B 32 10.77 -8.03 33.51
N GLU B 33 9.91 -7.47 34.36
CA GLU B 33 8.67 -8.12 34.77
C GLU B 33 7.63 -8.19 33.63
N ASP B 34 7.66 -7.21 32.71
CA ASP B 34 6.65 -7.10 31.65
C ASP B 34 7.00 -7.74 30.31
N VAL B 35 8.15 -8.38 30.21
CA VAL B 35 8.66 -8.88 28.92
C VAL B 35 8.46 -10.39 28.84
N ASP B 36 7.81 -10.87 27.79
CA ASP B 36 7.76 -12.31 27.48
C ASP B 36 8.20 -12.54 26.03
N VAL B 37 9.01 -13.57 25.83
CA VAL B 37 9.55 -13.95 24.54
C VAL B 37 9.12 -15.36 24.22
N GLU B 38 8.74 -15.60 22.98
CA GLU B 38 8.43 -16.94 22.48
C GLU B 38 9.12 -17.11 21.11
N TYR B 39 9.40 -18.35 20.74
CA TYR B 39 9.98 -18.65 19.44
C TYR B 39 9.44 -19.97 18.93
N GLN B 40 8.76 -19.97 17.79
CA GLN B 40 8.22 -21.19 17.20
C GLN B 40 8.06 -21.04 15.71
N SER B 41 8.53 -22.02 14.94
CA SER B 41 8.26 -22.08 13.49
C SER B 41 8.73 -20.81 12.76
N GLY B 42 9.94 -20.37 13.10
CA GLY B 42 10.55 -19.19 12.46
C GLY B 42 10.00 -17.85 12.91
N VAL B 43 9.19 -17.80 13.95
CA VAL B 43 8.56 -16.58 14.40
C VAL B 43 8.94 -16.30 15.85
N LEU B 44 9.62 -15.17 16.06
CA LEU B 44 9.99 -14.69 17.37
C LEU B 44 8.97 -13.63 17.83
N THR B 45 8.36 -13.85 18.99
CA THR B 45 7.38 -12.96 19.56
C THR B 45 7.99 -12.29 20.78
N LEU B 46 7.88 -10.97 20.87
CA LEU B 46 8.35 -10.25 22.03
C LEU B 46 7.26 -9.34 22.54
N ASN B 47 6.56 -9.79 23.56
CA ASN B 47 5.51 -9.02 24.18
C ASN B 47 6.11 -8.17 25.30
N MET B 48 6.13 -6.85 25.10
CA MET B 48 6.71 -5.92 26.04
C MET B 48 5.65 -5.37 27.01
N GLY B 49 4.48 -6.00 27.07
CA GLY B 49 3.45 -5.59 27.99
C GLY B 49 2.42 -4.64 27.36
N PRO B 50 1.41 -4.27 28.15
CA PRO B 50 0.21 -3.62 27.65
C PRO B 50 0.38 -2.18 27.19
N GLU B 51 1.37 -1.47 27.74
CA GLU B 51 1.67 -0.10 27.32
C GLU B 51 2.57 -0.05 26.09
N VAL B 52 3.59 -0.92 26.03
CA VAL B 52 4.54 -0.91 24.91
C VAL B 52 3.99 -1.62 23.68
N GLY B 53 3.47 -2.84 23.87
CA GLY B 53 2.92 -3.62 22.79
C GLY B 53 3.79 -4.81 22.46
N THR B 54 3.53 -5.40 21.30
CA THR B 54 4.15 -6.64 20.90
C THR B 54 4.95 -6.47 19.62
N TYR B 55 6.18 -6.98 19.65
CA TYR B 55 7.08 -7.02 18.49
C TYR B 55 6.95 -8.41 17.89
N VAL B 56 6.97 -8.49 16.59
CA VAL B 56 7.10 -9.76 15.90
C VAL B 56 8.28 -9.71 14.95
N ILE B 57 9.11 -10.74 15.00
CA ILE B 57 10.26 -10.90 14.11
C ILE B 57 10.17 -12.32 13.50
N ASN B 58 10.07 -12.42 12.19
CA ASN B 58 9.80 -13.71 11.54
C ASN B 58 10.57 -13.90 10.28
N LYS B 59 11.03 -15.14 10.07
CA LYS B 59 11.52 -15.55 8.77
C LYS B 59 10.40 -15.45 7.72
N GLN B 60 10.74 -14.91 6.55
CA GLN B 60 9.91 -14.92 5.40
C GLN B 60 10.69 -15.61 4.28
N PRO B 61 10.69 -16.96 4.28
CA PRO B 61 11.59 -17.72 3.40
C PRO B 61 11.50 -17.44 1.90
N PRO B 62 10.31 -17.29 1.31
CA PRO B 62 10.25 -16.96 -0.13
C PRO B 62 11.01 -15.70 -0.54
N ASN B 63 11.19 -14.74 0.35
CA ASN B 63 11.95 -13.50 0.05
C ASN B 63 13.38 -13.57 0.60
N LYS B 64 13.72 -14.64 1.30
CA LYS B 64 15.01 -14.74 2.03
C LYS B 64 15.27 -13.54 2.93
N GLN B 65 14.24 -13.14 3.67
CA GLN B 65 14.28 -11.97 4.54
C GLN B 65 13.87 -12.38 5.93
N ILE B 66 14.18 -11.48 6.88
CA ILE B 66 13.57 -11.50 8.17
C ILE B 66 12.71 -10.23 8.22
N TRP B 67 11.46 -10.40 8.60
CA TRP B 67 10.49 -9.32 8.64
C TRP B 67 10.28 -8.96 10.09
N LEU B 68 10.05 -7.65 10.29
CA LEU B 68 9.82 -7.14 11.60
C LEU B 68 8.53 -6.31 11.63
N SER B 69 7.87 -6.40 12.76
CA SER B 69 6.74 -5.55 13.03
C SER B 69 6.96 -4.93 14.41
N SER B 70 7.02 -3.60 14.48
CA SER B 70 7.23 -2.87 15.72
C SER B 70 6.01 -2.00 16.06
N PRO B 71 5.62 -2.01 17.34
CA PRO B 71 4.57 -1.13 17.82
C PRO B 71 4.95 0.36 17.84
N LYS B 72 6.23 0.67 17.76
CA LYS B 72 6.69 2.07 17.73
C LYS B 72 6.91 2.58 16.35
N SER B 73 7.37 1.72 15.45
CA SER B 73 7.82 2.17 14.12
C SER B 73 7.30 1.37 12.93
N GLY B 74 6.46 0.38 13.15
CA GLY B 74 5.80 -0.34 12.09
C GLY B 74 6.62 -1.44 11.43
N PRO B 75 6.33 -1.74 10.15
CA PRO B 75 6.93 -2.88 9.50
C PRO B 75 8.24 -2.58 8.78
N LYS B 76 9.16 -3.54 8.79
CA LYS B 76 10.40 -3.47 8.03
C LYS B 76 10.79 -4.85 7.52
N ARG B 77 11.61 -4.82 6.45
CA ARG B 77 12.06 -6.11 5.88
C ARG B 77 13.61 -6.07 5.81
N TYR B 78 14.22 -7.09 6.40
CA TYR B 78 15.68 -7.15 6.49
C TYR B 78 16.25 -8.18 5.53
N ASP B 79 17.20 -7.75 4.69
CA ASP B 79 17.96 -8.63 3.83
C ASP B 79 19.30 -8.98 4.44
N TYR B 80 19.85 -10.12 4.05
CA TYR B 80 21.20 -10.50 4.46
C TYR B 80 22.18 -9.84 3.47
N VAL B 81 22.96 -8.90 3.98
CA VAL B 81 23.70 -7.93 3.16
C VAL B 81 25.17 -7.96 3.58
N ILE B 82 26.06 -8.07 2.62
CA ILE B 82 27.49 -7.74 2.82
C ILE B 82 27.70 -6.33 2.28
N THR B 83 27.98 -5.39 3.16
CA THR B 83 27.85 -3.94 2.79
C THR B 83 29.07 -3.40 2.02
N GLY B 84 30.20 -4.11 2.16
CA GLY B 84 31.45 -3.80 1.43
C GLY B 84 32.34 -2.90 2.31
N GLU B 85 31.68 -2.04 3.08
CA GLU B 85 32.25 -1.48 4.29
C GLU B 85 32.31 -2.68 5.28
N GLY B 86 33.44 -2.85 5.92
CA GLY B 86 33.57 -3.89 6.96
C GLY B 86 34.50 -5.00 6.53
N GLN B 87 35.30 -5.48 7.49
CA GLN B 87 36.28 -6.57 7.29
C GLN B 87 36.11 -7.52 8.43
N ASN B 88 36.84 -8.63 8.42
CA ASN B 88 37.00 -9.50 9.65
C ASN B 88 38.44 -10.10 9.69
N GLU B 89 39.00 -10.25 10.88
CA GLU B 89 40.40 -10.66 11.05
C GLU B 89 40.53 -12.19 11.05
N LYS B 90 39.38 -12.87 11.24
CA LYS B 90 39.34 -14.33 11.37
C LYS B 90 39.09 -15.07 10.07
N GLN B 91 38.04 -14.74 9.30
CA GLN B 91 37.60 -15.54 8.14
C GLN B 91 38.20 -14.86 6.92
N ASP B 92 38.54 -15.59 5.85
CA ASP B 92 38.66 -14.98 4.49
C ASP B 92 37.28 -14.80 3.80
N THR B 93 36.21 -15.35 4.39
CA THR B 93 34.85 -15.22 3.86
C THR B 93 34.26 -13.85 4.26
N ALA B 94 33.50 -13.20 3.38
CA ALA B 94 32.86 -11.92 3.69
C ALA B 94 31.78 -12.06 4.81
N VAL B 95 31.67 -11.02 5.62
CA VAL B 95 30.82 -11.03 6.79
C VAL B 95 29.57 -10.22 6.45
N GLY B 96 28.42 -10.79 6.74
CA GLY B 96 27.14 -10.18 6.47
C GLY B 96 26.33 -9.78 7.67
N GLU B 97 25.35 -8.89 7.40
CA GLU B 97 24.47 -8.33 8.43
C GLU B 97 23.02 -8.29 7.93
N TRP B 98 22.06 -8.23 8.85
CA TRP B 98 20.65 -8.12 8.51
C TRP B 98 20.26 -6.66 8.44
N VAL B 99 20.00 -6.19 7.22
CA VAL B 99 19.92 -4.75 6.92
C VAL B 99 18.58 -4.43 6.25
N TYR B 100 18.01 -3.30 6.66
CA TYR B 100 16.86 -2.73 6.01
C TYR B 100 17.39 -1.84 4.89
N LEU B 101 17.32 -2.34 3.65
CA LEU B 101 18.06 -1.70 2.57
C LEU B 101 17.54 -0.32 2.17
N ARG B 102 16.32 -0.01 2.51
CA ARG B 102 15.76 1.30 2.30
C ARG B 102 16.55 2.39 3.02
N ASP B 103 17.08 2.14 4.25
CA ASP B 103 17.88 3.15 4.93
C ASP B 103 19.27 2.73 5.39
N GLY B 104 19.62 1.48 5.14
CA GLY B 104 20.89 0.94 5.50
C GLY B 104 21.04 0.55 6.95
N SER B 105 20.01 0.66 7.77
CA SER B 105 20.12 0.32 9.21
C SER B 105 20.08 -1.21 9.40
N THR B 106 20.60 -1.66 10.52
CA THR B 106 20.53 -3.04 10.92
C THR B 106 19.37 -3.32 11.87
N LEU B 107 18.95 -4.57 11.93
CA LEU B 107 17.92 -4.95 12.90
C LEU B 107 18.44 -4.80 14.33
N ASN B 108 19.68 -5.17 14.55
CA ASN B 108 20.35 -4.98 15.89
C ASN B 108 20.26 -3.51 16.33
N GLN B 109 20.51 -2.58 15.42
CA GLN B 109 20.44 -1.16 15.76
C GLN B 109 19.02 -0.72 16.18
N LEU B 110 18.00 -1.21 15.47
CA LEU B 110 16.62 -0.89 15.82
C LEU B 110 16.29 -1.43 17.22
N LEU B 111 16.68 -2.63 17.50
CA LEU B 111 16.43 -3.23 18.83
C LEU B 111 17.15 -2.49 19.93
N LEU B 112 18.34 -2.01 19.66
CA LEU B 112 19.08 -1.16 20.62
C LEU B 112 18.29 0.11 20.90
N GLU B 113 17.91 0.81 19.86
CA GLU B 113 17.23 2.10 20.01
C GLU B 113 15.84 2.02 20.61
N GLU B 114 15.09 0.98 20.27
CA GLU B 114 13.71 0.89 20.72
C GLU B 114 13.52 0.17 22.05
N ILE B 115 14.25 -0.90 22.25
CA ILE B 115 14.10 -1.82 23.36
C ILE B 115 15.32 -1.80 24.34
N GLY B 116 16.41 -1.17 23.96
CA GLY B 116 17.57 -1.07 24.82
C GLY B 116 18.37 -2.34 24.96
N VAL B 117 18.31 -3.22 23.98
CA VAL B 117 19.10 -4.44 23.99
C VAL B 117 20.25 -4.24 23.02
N ASP B 118 21.45 -4.51 23.48
CA ASP B 118 22.65 -4.40 22.66
C ASP B 118 23.15 -5.80 22.33
N LEU B 119 22.97 -6.21 21.08
CA LEU B 119 23.37 -7.55 20.64
C LEU B 119 24.87 -7.78 20.28
N SER C 1 -11.01 3.05 15.76
CA SER C 1 -11.63 2.80 14.41
C SER C 1 -12.82 3.59 14.16
N MET C 2 -13.92 2.93 14.43
CA MET C 2 -15.21 3.50 14.50
C MET C 2 -15.85 2.97 15.77
N ALA C 3 -15.58 1.71 16.21
CA ALA C 3 -16.22 1.24 17.45
C ALA C 3 -15.64 1.84 18.72
N ASP C 4 -16.51 2.24 19.66
CA ASP C 4 -16.08 2.81 20.93
C ASP C 4 -15.99 1.66 21.93
N ILE C 5 -14.81 1.09 22.10
CA ILE C 5 -14.67 -0.10 22.93
C ILE C 5 -13.58 0.10 23.95
N THR C 6 -13.73 -0.55 25.09
CA THR C 6 -12.71 -0.52 26.12
C THR C 6 -11.62 -1.54 25.79
N THR C 7 -10.53 -1.47 26.48
CA THR C 7 -9.43 -2.40 26.31
C THR C 7 -9.88 -3.83 26.61
N ALA C 8 -10.68 -3.99 27.67
CA ALA C 8 -11.25 -5.30 28.02
C ALA C 8 -12.14 -5.83 26.93
N GLU C 9 -12.97 -4.96 26.34
CA GLU C 9 -13.83 -5.35 25.23
C GLU C 9 -13.02 -5.73 23.99
N TYR C 10 -11.97 -4.95 23.70
CA TYR C 10 -11.07 -5.26 22.62
C TYR C 10 -10.50 -6.67 22.77
N HIS C 11 -9.97 -6.98 23.96
CA HIS C 11 -9.35 -8.29 24.19
C HIS C 11 -10.32 -9.44 23.96
N ARG C 12 -11.55 -9.27 24.40
CA ARG C 12 -12.60 -10.30 24.19
C ARG C 12 -12.90 -10.46 22.73
N LEU C 13 -13.12 -9.36 22.03
CA LEU C 13 -13.43 -9.42 20.59
C LEU C 13 -12.27 -10.05 19.80
N ALA C 14 -11.05 -9.64 20.13
CA ALA C 14 -9.90 -10.12 19.38
C ALA C 14 -9.67 -11.58 19.66
N ASP C 15 -9.78 -11.96 20.93
CA ASP C 15 -9.60 -13.36 21.32
C ASP C 15 -10.63 -14.28 20.68
N GLU C 16 -11.89 -13.83 20.68
CA GLU C 16 -12.96 -14.60 20.02
C GLU C 16 -12.66 -14.82 18.53
N TYR C 17 -12.28 -13.74 17.84
CA TYR C 17 -11.98 -13.84 16.41
C TYR C 17 -10.80 -14.78 16.12
N LEU C 18 -9.70 -14.62 16.86
CA LEU C 18 -8.53 -15.40 16.58
C LEU C 18 -8.69 -16.89 17.00
N ASP C 19 -9.48 -17.13 18.03
CA ASP C 19 -9.87 -18.51 18.41
C ASP C 19 -10.66 -19.19 17.29
N ALA C 20 -11.63 -18.49 16.71
CA ALA C 20 -12.37 -19.03 15.58
C ALA C 20 -11.44 -19.27 14.39
N LEU C 21 -10.53 -18.30 14.12
CA LEU C 21 -9.62 -18.46 13.02
C LEU C 21 -8.69 -19.66 13.22
N LEU C 22 -8.17 -19.77 14.42
CA LEU C 22 -7.30 -20.88 14.77
C LEU C 22 -7.94 -22.25 14.50
N SER C 23 -9.19 -22.44 14.92
CA SER C 23 -9.80 -23.76 14.72
C SER C 23 -10.05 -24.06 13.24
N ARG C 24 -10.46 -23.05 12.44
CA ARG C 24 -10.48 -23.20 10.98
C ARG C 24 -9.09 -23.57 10.40
N LEU C 25 -8.03 -22.94 10.91
CA LEU C 25 -6.70 -23.21 10.37
C LEU C 25 -6.15 -24.56 10.85
N GLU C 26 -6.51 -24.98 12.07
CA GLU C 26 -6.20 -26.33 12.52
C GLU C 26 -6.79 -27.42 11.62
N GLU C 27 -7.99 -27.24 11.10
CA GLU C 27 -8.51 -28.17 10.08
C GLU C 27 -7.60 -28.22 8.86
N LEU C 28 -7.19 -27.05 8.38
CA LEU C 28 -6.29 -26.95 7.22
C LEU C 28 -4.92 -27.61 7.51
N GLN C 29 -4.42 -27.42 8.72
CA GLN C 29 -3.18 -28.04 9.15
C GLN C 29 -3.22 -29.59 9.06
N ASP C 30 -4.35 -30.18 9.42
CA ASP C 30 -4.54 -31.63 9.37
C ASP C 30 -4.58 -32.18 7.96
N GLU C 31 -5.12 -31.39 7.04
CA GLU C 31 -5.25 -31.77 5.63
C GLU C 31 -3.95 -31.70 4.84
N ARG C 32 -3.10 -30.75 5.18
CA ARG C 32 -1.94 -30.40 4.40
C ARG C 32 -0.65 -30.63 5.14
N GLU C 33 0.29 -31.33 4.49
CA GLU C 33 1.62 -31.59 5.07
C GLU C 33 2.47 -30.31 5.20
N ASP C 34 2.23 -29.32 4.34
CA ASP C 34 2.97 -28.08 4.30
C ASP C 34 2.45 -26.91 5.19
N VAL C 35 1.33 -27.11 5.85
CA VAL C 35 0.69 -26.10 6.68
C VAL C 35 0.92 -26.37 8.15
N ASP C 36 1.47 -25.40 8.89
CA ASP C 36 1.51 -25.47 10.35
C ASP C 36 0.95 -24.21 10.98
N VAL C 37 0.16 -24.33 12.04
CA VAL C 37 -0.46 -23.20 12.72
C VAL C 37 -0.07 -23.24 14.18
N GLU C 38 0.22 -22.10 14.77
CA GLU C 38 0.45 -21.96 16.21
C GLU C 38 -0.25 -20.73 16.72
N TYR C 39 -0.63 -20.71 18.00
CA TYR C 39 -1.24 -19.53 18.61
C TYR C 39 -0.78 -19.42 20.05
N GLN C 40 -0.06 -18.35 20.37
CA GLN C 40 0.53 -18.18 21.70
C GLN C 40 0.73 -16.70 21.98
N SER C 41 0.27 -16.26 23.15
CA SER C 41 0.52 -14.90 23.62
C SER C 41 0.02 -13.84 22.61
N GLY C 42 -1.19 -14.05 22.10
CA GLY C 42 -1.83 -13.15 21.18
C GLY C 42 -1.29 -13.09 19.76
N VAL C 43 -0.45 -14.05 19.40
CA VAL C 43 0.16 -14.12 18.08
C VAL C 43 -0.20 -15.43 17.40
N LEU C 44 -0.88 -15.33 16.26
CA LEU C 44 -1.22 -16.49 15.44
C LEU C 44 -0.17 -16.59 14.29
N THR C 45 0.49 -17.75 14.20
CA THR C 45 1.44 -18.03 13.15
C THR C 45 0.84 -19.05 12.17
N LEU C 46 0.90 -18.76 10.89
CA LEU C 46 0.49 -19.71 9.87
C LEU C 46 1.60 -19.88 8.85
N ASN C 47 2.36 -20.96 8.98
CA ASN C 47 3.40 -21.29 8.02
C ASN C 47 2.82 -22.13 6.90
N MET C 48 2.74 -21.56 5.71
CA MET C 48 2.18 -22.27 4.54
C MET C 48 3.26 -22.95 3.72
N GLY C 49 4.46 -23.08 4.26
CA GLY C 49 5.54 -23.78 3.57
C GLY C 49 6.48 -22.83 2.85
N PRO C 50 7.57 -23.36 2.31
CA PRO C 50 8.70 -22.56 1.81
C PRO C 50 8.40 -21.79 0.52
N GLU C 51 7.44 -22.25 -0.29
CA GLU C 51 7.01 -21.52 -1.48
C GLU C 51 6.00 -20.41 -1.20
N VAL C 52 5.02 -20.68 -0.33
CA VAL C 52 3.97 -19.68 -0.01
C VAL C 52 4.48 -18.65 1.01
N GLY C 53 5.06 -19.11 2.11
CA GLY C 53 5.60 -18.23 3.13
C GLY C 53 4.81 -18.32 4.41
N THR C 54 5.08 -17.40 5.30
CA THR C 54 4.52 -17.42 6.65
C THR C 54 3.67 -16.17 6.89
N TYR C 55 2.48 -16.39 7.44
CA TYR C 55 1.58 -15.34 7.84
C TYR C 55 1.77 -15.14 9.33
N VAL C 56 1.72 -13.89 9.76
CA VAL C 56 1.63 -13.58 11.18
C VAL C 56 0.45 -12.67 11.41
N ILE C 57 -0.38 -13.01 12.40
CA ILE C 57 -1.58 -12.25 12.74
C ILE C 57 -1.57 -12.09 14.25
N ASN C 58 -1.51 -10.85 14.75
CA ASN C 58 -1.26 -10.62 16.17
C ASN C 58 -2.06 -9.49 16.72
N LYS C 59 -2.50 -9.66 17.97
CA LYS C 59 -3.02 -8.54 18.73
C LYS C 59 -1.95 -7.48 18.93
N GLN C 60 -2.34 -6.21 18.77
CA GLN C 60 -1.52 -5.09 19.12
C GLN C 60 -2.35 -4.25 20.13
N PRO C 61 -2.33 -4.66 21.39
CA PRO C 61 -3.27 -4.11 22.39
C PRO C 61 -3.26 -2.57 22.60
N PRO C 62 -2.09 -1.92 22.62
CA PRO C 62 -2.10 -0.45 22.75
C PRO C 62 -2.89 0.29 21.69
N ASN C 63 -3.04 -0.27 20.49
CA ASN C 63 -3.80 0.35 19.39
C ASN C 63 -5.22 -0.23 19.30
N LYS C 64 -5.54 -1.25 20.11
CA LYS C 64 -6.77 -2.01 19.97
C LYS C 64 -7.01 -2.50 18.52
N GLN C 65 -5.94 -3.04 17.92
CA GLN C 65 -5.95 -3.49 16.53
C GLN C 65 -5.48 -4.92 16.48
N ILE C 66 -5.74 -5.54 15.33
CA ILE C 66 -5.11 -6.76 14.96
C ILE C 66 -4.21 -6.44 13.76
N TRP C 67 -2.94 -6.83 13.86
CA TRP C 67 -1.96 -6.51 12.85
C TRP C 67 -1.67 -7.78 12.07
N LEU C 68 -1.32 -7.62 10.81
CA LEU C 68 -1.15 -8.75 9.92
C LEU C 68 0.09 -8.55 9.08
N SER C 69 0.76 -9.65 8.81
CA SER C 69 1.83 -9.70 7.85
C SER C 69 1.56 -10.86 6.90
N SER C 70 1.47 -10.57 5.61
CA SER C 70 1.22 -11.58 4.59
C SER C 70 2.39 -11.66 3.61
N PRO C 71 2.80 -12.89 3.27
CA PRO C 71 3.81 -13.08 2.23
C PRO C 71 3.35 -12.73 0.81
N LYS C 72 2.05 -12.60 0.58
CA LYS C 72 1.50 -12.26 -0.74
C LYS C 72 1.23 -10.79 -0.86
N SER C 73 0.83 -10.13 0.23
CA SER C 73 0.41 -8.74 0.14
C SER C 73 0.97 -7.78 1.20
N GLY C 74 1.86 -8.26 2.07
CA GLY C 74 2.56 -7.37 2.99
C GLY C 74 1.77 -7.07 4.28
N PRO C 75 2.10 -5.93 4.91
CA PRO C 75 1.57 -5.63 6.22
C PRO C 75 0.26 -4.83 6.20
N LYS C 76 -0.62 -5.11 7.16
CA LYS C 76 -1.90 -4.40 7.31
C LYS C 76 -2.28 -4.32 8.78
N ARG C 77 -3.28 -3.52 9.06
CA ARG C 77 -3.57 -3.01 10.39
C ARG C 77 -5.10 -2.97 10.49
N TYR C 78 -5.71 -3.77 11.34
CA TYR C 78 -7.19 -3.84 11.37
C TYR C 78 -7.76 -3.21 12.60
N ASP C 79 -8.68 -2.29 12.42
CA ASP C 79 -9.49 -1.71 13.50
C ASP C 79 -10.84 -2.43 13.63
N TYR C 80 -11.40 -2.42 14.83
CA TYR C 80 -12.74 -2.95 15.04
C TYR C 80 -13.75 -1.86 14.73
N VAL C 81 -14.52 -2.07 13.66
CA VAL C 81 -15.34 -1.04 13.02
C VAL C 81 -16.77 -1.54 12.93
N ILE C 82 -17.75 -0.69 13.16
CA ILE C 82 -19.17 -1.03 13.04
C ILE C 82 -19.66 -0.76 11.61
N THR C 83 -19.94 -1.86 10.90
CA THR C 83 -20.33 -1.79 9.48
C THR C 83 -21.83 -2.01 9.30
N GLY C 84 -22.49 -2.65 10.26
CA GLY C 84 -23.94 -2.85 10.25
C GLY C 84 -24.57 -2.35 11.52
N GLU C 85 -25.70 -1.64 11.39
CA GLU C 85 -26.42 -1.11 12.55
C GLU C 85 -27.23 -2.21 13.22
N GLY C 86 -27.63 -3.29 12.51
CA GLY C 86 -28.41 -4.37 13.11
C GLY C 86 -29.86 -3.98 13.39
N GLN C 87 -30.38 -4.42 14.53
CA GLN C 87 -31.81 -4.24 14.90
C GLN C 87 -32.30 -2.85 15.41
N ASN C 88 -31.35 -2.06 15.96
CA ASN C 88 -31.64 -0.84 16.69
C ASN C 88 -30.58 0.25 16.44
N GLU C 89 -30.66 1.37 17.17
CA GLU C 89 -29.48 2.28 17.35
C GLU C 89 -28.53 1.73 18.42
N LYS C 90 -29.03 0.82 19.25
CA LYS C 90 -28.27 0.18 20.33
C LYS C 90 -26.97 -0.54 19.89
N GLN C 91 -25.93 -0.34 20.68
CA GLN C 91 -24.61 -0.94 20.47
C GLN C 91 -24.59 -2.45 20.73
N ASP C 92 -25.55 -2.96 21.51
CA ASP C 92 -25.67 -4.44 21.71
C ASP C 92 -26.24 -5.22 20.51
N THR C 93 -26.81 -4.48 19.54
CA THR C 93 -27.28 -5.05 18.26
C THR C 93 -26.31 -4.82 17.08
N ALA C 94 -25.36 -3.87 17.23
CA ALA C 94 -24.51 -3.44 16.11
C ALA C 94 -23.55 -4.55 15.67
N VAL C 95 -23.26 -4.62 14.37
CA VAL C 95 -22.40 -5.69 13.86
C VAL C 95 -21.04 -5.08 13.58
N GLY C 96 -20.01 -5.65 14.17
CA GLY C 96 -18.65 -5.11 14.00
C GLY C 96 -17.74 -6.05 13.24
N GLU C 97 -16.79 -5.46 12.50
CA GLU C 97 -15.83 -6.21 11.70
C GLU C 97 -14.42 -5.62 11.84
N TRP C 98 -13.43 -6.44 11.50
CA TRP C 98 -12.03 -6.04 11.50
C TRP C 98 -11.66 -5.49 10.14
N VAL C 99 -11.44 -4.18 10.09
CA VAL C 99 -11.28 -3.45 8.83
C VAL C 99 -9.92 -2.73 8.74
N TYR C 100 -9.29 -2.83 7.58
CA TYR C 100 -8.10 -2.07 7.26
C TYR C 100 -8.53 -0.73 6.72
N LEU C 101 -8.42 0.31 7.53
CA LEU C 101 -8.96 1.62 7.17
C LEU C 101 -8.29 2.30 5.98
N ARG C 102 -7.11 1.88 5.60
CA ARG C 102 -6.50 2.41 4.39
C ARG C 102 -7.32 2.12 3.13
N ASP C 103 -8.01 0.98 3.05
CA ASP C 103 -8.82 0.67 1.87
C ASP C 103 -10.21 0.17 2.15
N GLY C 104 -10.59 0.07 3.42
CA GLY C 104 -11.89 -0.42 3.78
C GLY C 104 -12.10 -1.92 3.70
N SER C 105 -11.05 -2.69 3.40
CA SER C 105 -11.18 -4.16 3.28
C SER C 105 -11.21 -4.81 4.66
N THR C 106 -11.81 -5.99 4.74
CA THR C 106 -11.90 -6.74 5.96
C THR C 106 -10.80 -7.81 6.02
N LEU C 107 -10.48 -8.21 7.24
CA LEU C 107 -9.57 -9.28 7.46
C LEU C 107 -10.13 -10.61 6.91
N ASN C 108 -11.41 -10.83 7.12
CA ASN C 108 -12.15 -11.99 6.52
C ASN C 108 -11.93 -12.09 5.01
N GLN C 109 -12.05 -10.97 4.33
CA GLN C 109 -11.89 -10.94 2.85
C GLN C 109 -10.45 -11.32 2.46
N LEU C 110 -9.44 -10.81 3.18
CA LEU C 110 -8.07 -11.19 2.86
C LEU C 110 -7.86 -12.70 3.03
N LEU C 111 -8.34 -13.25 4.12
CA LEU C 111 -8.17 -14.69 4.37
C LEU C 111 -8.88 -15.53 3.32
N LEU C 112 -10.04 -15.07 2.88
CA LEU C 112 -10.77 -15.79 1.83
C LEU C 112 -9.96 -15.79 0.53
N GLU C 113 -9.51 -14.60 0.11
CA GLU C 113 -8.82 -14.46 -1.14
C GLU C 113 -7.45 -15.12 -1.18
N GLU C 114 -6.72 -15.06 -0.08
CA GLU C 114 -5.33 -15.51 -0.11
C GLU C 114 -5.17 -16.95 0.30
N ILE C 115 -5.94 -17.40 1.27
CA ILE C 115 -5.78 -18.70 1.91
C ILE C 115 -6.99 -19.64 1.64
N GLY C 116 -8.08 -19.10 1.09
CA GLY C 116 -9.26 -19.89 0.80
C GLY C 116 -10.06 -20.31 2.02
N VAL C 117 -9.96 -19.55 3.10
CA VAL C 117 -10.68 -19.83 4.31
C VAL C 117 -11.76 -18.80 4.40
N ASP C 118 -13.00 -19.27 4.60
CA ASP C 118 -14.13 -18.39 4.80
C ASP C 118 -14.53 -18.50 6.27
N LEU C 119 -14.21 -17.45 7.05
CA LEU C 119 -14.35 -17.48 8.47
C LEU C 119 -15.76 -17.03 8.90
N ASN C 120 -16.44 -17.94 9.59
CA ASN C 120 -17.72 -17.65 10.26
C ASN C 120 -17.43 -17.57 11.79
N VAL C 121 -17.33 -16.33 12.30
CA VAL C 121 -16.95 -16.05 13.68
C VAL C 121 -18.22 -15.94 14.50
N MET D 2 -9.46 -22.39 -5.13
CA MET D 2 -8.03 -22.12 -5.58
C MET D 2 -7.31 -23.48 -5.75
N ALA D 3 -6.83 -23.75 -6.96
CA ALA D 3 -6.39 -25.12 -7.33
C ALA D 3 -5.06 -25.53 -6.71
N ASP D 4 -4.96 -26.80 -6.37
CA ASP D 4 -3.72 -27.41 -5.88
C ASP D 4 -2.93 -27.93 -7.08
N ILE D 5 -2.03 -27.11 -7.58
CA ILE D 5 -1.23 -27.42 -8.76
C ILE D 5 0.22 -27.16 -8.47
N THR D 6 1.10 -27.88 -9.17
CA THR D 6 2.53 -27.66 -9.05
C THR D 6 2.92 -26.49 -9.93
N THR D 7 4.15 -26.03 -9.75
CA THR D 7 4.69 -24.95 -10.55
C THR D 7 4.71 -25.34 -12.03
N ALA D 8 5.11 -26.57 -12.32
CA ALA D 8 5.12 -27.08 -13.70
C ALA D 8 3.72 -27.12 -14.30
N GLU D 9 2.74 -27.52 -13.49
CA GLU D 9 1.34 -27.52 -13.94
C GLU D 9 0.82 -26.10 -14.19
N TYR D 10 1.19 -25.19 -13.29
CA TYR D 10 0.87 -23.77 -13.46
C TYR D 10 1.39 -23.25 -14.78
N HIS D 11 2.65 -23.52 -15.08
CA HIS D 11 3.25 -23.01 -16.34
C HIS D 11 2.53 -23.51 -17.58
N ARG D 12 2.12 -24.79 -17.56
CA ARG D 12 1.37 -25.38 -18.67
C ARG D 12 0.01 -24.69 -18.80
N LEU D 13 -0.71 -24.58 -17.70
CA LEU D 13 -2.03 -23.96 -17.71
C LEU D 13 -1.95 -22.50 -18.17
N ALA D 14 -0.97 -21.76 -17.65
CA ALA D 14 -0.85 -20.35 -17.97
C ALA D 14 -0.44 -20.17 -19.39
N ASP D 15 0.51 -20.97 -19.85
CA ASP D 15 0.96 -20.89 -21.26
C ASP D 15 -0.15 -21.20 -22.22
N GLU D 16 -0.93 -22.24 -21.93
CA GLU D 16 -2.09 -22.58 -22.76
C GLU D 16 -3.09 -21.41 -22.86
N TYR D 17 -3.44 -20.84 -21.71
CA TYR D 17 -4.36 -19.72 -21.68
C TYR D 17 -3.85 -18.49 -22.43
N LEU D 18 -2.60 -18.12 -22.21
CA LEU D 18 -2.05 -16.91 -22.83
C LEU D 18 -1.81 -17.08 -24.32
N ASP D 19 -1.47 -18.30 -24.75
CA ASP D 19 -1.39 -18.63 -26.18
C ASP D 19 -2.75 -18.47 -26.87
N ALA D 20 -3.82 -18.97 -26.26
CA ALA D 20 -5.16 -18.76 -26.76
C ALA D 20 -5.52 -17.28 -26.78
N LEU D 21 -5.18 -16.56 -25.71
CA LEU D 21 -5.47 -15.12 -25.65
C LEU D 21 -4.73 -14.36 -26.73
N LEU D 22 -3.45 -14.68 -26.88
CA LEU D 22 -2.62 -14.06 -27.91
C LEU D 22 -3.25 -14.20 -29.32
N SER D 23 -3.68 -15.40 -29.68
CA SER D 23 -4.21 -15.57 -31.04
C SER D 23 -5.54 -14.81 -31.24
N ARG D 24 -6.41 -14.79 -30.22
CA ARG D 24 -7.57 -13.87 -30.22
C ARG D 24 -7.16 -12.40 -30.36
N LEU D 25 -6.10 -11.96 -29.69
CA LEU D 25 -5.70 -10.57 -29.78
C LEU D 25 -4.99 -10.26 -31.10
N GLU D 26 -4.27 -11.22 -31.67
CA GLU D 26 -3.73 -11.07 -33.02
C GLU D 26 -4.85 -10.81 -34.08
N GLU D 27 -5.99 -11.50 -33.96
CA GLU D 27 -7.14 -11.18 -34.82
C GLU D 27 -7.58 -9.72 -34.63
N LEU D 28 -7.69 -9.30 -33.38
CA LEU D 28 -8.07 -7.94 -33.02
C LEU D 28 -7.06 -6.91 -33.55
N GLN D 29 -5.79 -7.23 -33.48
CA GLN D 29 -4.71 -6.40 -34.04
C GLN D 29 -4.92 -6.11 -35.54
N ASP D 30 -5.34 -7.11 -36.28
CA ASP D 30 -5.58 -6.97 -37.75
C ASP D 30 -6.78 -6.09 -38.05
N GLU D 31 -7.80 -6.15 -37.21
CA GLU D 31 -9.06 -5.46 -37.45
C GLU D 31 -9.16 -4.06 -36.83
N ARG D 32 -8.20 -3.68 -36.00
CA ARG D 32 -8.17 -2.32 -35.39
C ARG D 32 -6.78 -1.70 -35.58
N GLU D 33 -6.76 -0.49 -36.08
CA GLU D 33 -5.51 0.14 -36.59
C GLU D 33 -4.55 0.53 -35.45
N ASP D 34 -5.10 0.85 -34.28
CA ASP D 34 -4.30 1.32 -33.13
C ASP D 34 -3.89 0.25 -32.11
N VAL D 35 -4.19 -1.02 -32.38
CA VAL D 35 -3.93 -2.12 -31.48
C VAL D 35 -2.68 -2.88 -31.90
N ASP D 36 -1.72 -3.05 -31.00
CA ASP D 36 -0.60 -3.98 -31.23
C ASP D 36 -0.39 -4.88 -30.04
N VAL D 37 -0.09 -6.14 -30.28
CA VAL D 37 0.06 -7.16 -29.28
C VAL D 37 1.43 -7.78 -29.43
N GLU D 38 2.10 -8.04 -28.31
CA GLU D 38 3.37 -8.79 -28.30
C GLU D 38 3.30 -9.79 -27.14
N TYR D 39 4.04 -10.88 -27.25
CA TYR D 39 4.12 -11.88 -26.19
C TYR D 39 5.54 -12.45 -26.13
N GLN D 40 6.22 -12.23 -25.00
CA GLN D 40 7.62 -12.63 -24.86
C GLN D 40 7.93 -12.86 -23.40
N SER D 41 8.54 -14.02 -23.11
CA SER D 41 9.00 -14.33 -21.76
C SER D 41 7.90 -14.21 -20.70
N GLY D 42 6.73 -14.76 -21.02
CA GLY D 42 5.60 -14.79 -20.09
C GLY D 42 4.86 -13.48 -19.87
N VAL D 43 5.14 -12.48 -20.72
CA VAL D 43 4.51 -11.17 -20.62
C VAL D 43 3.79 -10.86 -21.91
N LEU D 44 2.49 -10.65 -21.80
CA LEU D 44 1.66 -10.24 -22.94
C LEU D 44 1.43 -8.73 -22.85
N THR D 45 1.80 -8.02 -23.91
CA THR D 45 1.66 -6.58 -24.00
C THR D 45 0.58 -6.25 -25.01
N LEU D 46 -0.34 -5.38 -24.63
CA LEU D 46 -1.44 -5.00 -25.52
C LEU D 46 -1.53 -3.51 -25.52
N ASN D 47 -0.95 -2.90 -26.54
CA ASN D 47 -0.96 -1.46 -26.67
C ASN D 47 -2.18 -1.07 -27.50
N MET D 48 -3.16 -0.41 -26.86
CA MET D 48 -4.40 -0.03 -27.52
C MET D 48 -4.30 1.41 -28.06
N GLY D 49 -3.11 1.98 -28.13
CA GLY D 49 -2.93 3.29 -28.71
C GLY D 49 -2.89 4.40 -27.66
N PRO D 50 -2.65 5.63 -28.12
CA PRO D 50 -2.31 6.76 -27.27
C PRO D 50 -3.46 7.28 -26.41
N GLU D 51 -4.70 7.07 -26.83
CA GLU D 51 -5.86 7.48 -26.00
C GLU D 51 -6.24 6.42 -24.95
N VAL D 52 -6.21 5.14 -25.33
CA VAL D 52 -6.61 4.05 -24.43
C VAL D 52 -5.50 3.69 -23.45
N GLY D 53 -4.28 3.45 -23.96
CA GLY D 53 -3.16 3.06 -23.13
C GLY D 53 -2.75 1.63 -23.37
N THR D 54 -1.96 1.11 -22.46
CA THR D 54 -1.34 -0.18 -22.60
C THR D 54 -1.75 -1.12 -21.47
N TYR D 55 -2.14 -2.34 -21.85
CA TYR D 55 -2.48 -3.42 -20.93
C TYR D 55 -1.24 -4.29 -20.83
N VAL D 56 -0.96 -4.76 -19.61
CA VAL D 56 0.05 -5.78 -19.44
C VAL D 56 -0.56 -6.96 -18.71
N ILE D 57 -0.33 -8.16 -19.25
CA ILE D 57 -0.80 -9.40 -18.66
C ILE D 57 0.39 -10.35 -18.57
N ASN D 58 0.76 -10.75 -17.36
CA ASN D 58 2.04 -11.47 -17.18
C ASN D 58 1.92 -12.59 -16.18
N LYS D 59 2.62 -13.68 -16.49
CA LYS D 59 2.85 -14.71 -15.49
C LYS D 59 3.65 -14.15 -14.31
N GLN D 60 3.21 -14.52 -13.10
CA GLN D 60 3.93 -14.27 -11.89
C GLN D 60 4.15 -15.64 -11.22
N PRO D 61 5.17 -16.38 -11.68
CA PRO D 61 5.32 -17.79 -11.30
C PRO D 61 5.40 -18.12 -9.79
N PRO D 62 6.14 -17.33 -8.99
CA PRO D 62 6.18 -17.63 -7.54
C PRO D 62 4.81 -17.64 -6.85
N ASN D 63 3.82 -16.91 -7.38
CA ASN D 63 2.46 -16.91 -6.82
C ASN D 63 1.50 -17.82 -7.59
N LYS D 64 1.98 -18.42 -8.66
CA LYS D 64 1.12 -19.20 -9.58
C LYS D 64 -0.12 -18.40 -10.03
N GLN D 65 0.13 -17.14 -10.42
CA GLN D 65 -0.92 -16.21 -10.81
C GLN D 65 -0.60 -15.65 -12.16
N ILE D 66 -1.64 -15.09 -12.78
CA ILE D 66 -1.48 -14.21 -13.89
C ILE D 66 -1.91 -12.82 -13.35
N TRP D 67 -1.03 -11.84 -13.58
CA TRP D 67 -1.22 -10.51 -13.09
C TRP D 67 -1.63 -9.67 -14.27
N LEU D 68 -2.52 -8.71 -13.99
CA LEU D 68 -2.98 -7.80 -14.99
C LEU D 68 -2.80 -6.37 -14.53
N SER D 69 -2.51 -5.53 -15.50
CA SER D 69 -2.49 -4.11 -15.29
C SER D 69 -3.32 -3.50 -16.42
N SER D 70 -4.40 -2.78 -16.04
CA SER D 70 -5.27 -2.12 -16.98
C SER D 70 -5.22 -0.60 -16.83
N PRO D 71 -5.17 0.10 -17.96
CA PRO D 71 -5.26 1.56 -17.95
C PRO D 71 -6.63 2.09 -17.55
N LYS D 72 -7.68 1.27 -17.56
CA LYS D 72 -9.02 1.69 -17.15
C LYS D 72 -9.31 1.36 -15.72
N SER D 73 -8.80 0.23 -15.22
CA SER D 73 -9.21 -0.27 -13.93
C SER D 73 -8.09 -0.74 -12.98
N GLY D 74 -6.82 -0.57 -13.39
CA GLY D 74 -5.71 -0.83 -12.50
C GLY D 74 -5.25 -2.26 -12.41
N PRO D 75 -4.60 -2.62 -11.30
CA PRO D 75 -4.00 -3.93 -11.16
C PRO D 75 -4.92 -5.00 -10.58
N LYS D 76 -4.80 -6.24 -11.07
CA LYS D 76 -5.52 -7.38 -10.52
C LYS D 76 -4.65 -8.62 -10.59
N ARG D 77 -5.00 -9.57 -9.70
CA ARG D 77 -4.20 -10.82 -9.67
C ARG D 77 -5.20 -11.99 -9.82
N TYR D 78 -4.90 -12.83 -10.81
CA TYR D 78 -5.80 -13.93 -11.13
C TYR D 78 -5.21 -15.25 -10.68
N ASP D 79 -5.98 -16.00 -9.89
CA ASP D 79 -5.63 -17.37 -9.52
C ASP D 79 -6.30 -18.37 -10.44
N TYR D 80 -5.68 -19.54 -10.55
CA TYR D 80 -6.32 -20.66 -11.23
C TYR D 80 -7.22 -21.37 -10.22
N VAL D 81 -8.53 -21.29 -10.48
CA VAL D 81 -9.56 -21.59 -9.50
C VAL D 81 -10.53 -22.61 -10.13
N ILE D 82 -10.81 -23.65 -9.35
CA ILE D 82 -11.94 -24.55 -9.66
C ILE D 82 -13.13 -24.13 -8.80
N THR D 83 -14.16 -23.60 -9.44
CA THR D 83 -15.43 -23.30 -8.75
C THR D 83 -16.40 -24.48 -8.96
N GLY D 84 -17.19 -24.82 -7.93
CA GLY D 84 -18.12 -25.94 -7.96
C GLY D 84 -19.49 -25.52 -8.50
N GLU D 85 -19.70 -24.21 -8.65
CA GLU D 85 -20.64 -23.69 -9.65
C GLU D 85 -19.94 -23.93 -11.01
N GLY D 86 -20.63 -24.55 -11.95
CA GLY D 86 -20.03 -24.95 -13.25
C GLY D 86 -19.73 -26.45 -13.31
N GLN D 87 -20.02 -27.07 -14.44
CA GLN D 87 -19.66 -28.49 -14.70
C GLN D 87 -19.03 -28.53 -16.08
N ASN D 88 -18.54 -29.69 -16.49
CA ASN D 88 -18.13 -29.97 -17.90
C ASN D 88 -18.42 -31.46 -18.23
N GLU D 89 -18.56 -31.77 -19.53
CA GLU D 89 -18.57 -33.17 -20.01
C GLU D 89 -17.13 -33.71 -20.14
N GLY D 96 -11.35 -25.50 -14.57
CA GLY D 96 -10.68 -24.40 -13.90
C GLY D 96 -10.70 -23.12 -14.72
N GLU D 97 -10.71 -22.00 -14.01
CA GLU D 97 -10.77 -20.66 -14.63
C GLU D 97 -9.78 -19.71 -13.94
N TRP D 98 -9.40 -18.65 -14.65
CA TRP D 98 -8.53 -17.62 -14.08
C TRP D 98 -9.40 -16.53 -13.45
N VAL D 99 -9.36 -16.45 -12.13
CA VAL D 99 -10.34 -15.69 -11.35
C VAL D 99 -9.64 -14.70 -10.42
N TYR D 100 -10.22 -13.49 -10.34
CA TYR D 100 -9.83 -12.51 -9.37
C TYR D 100 -10.64 -12.78 -8.11
N LEU D 101 -10.01 -13.41 -7.11
CA LEU D 101 -10.78 -13.95 -5.99
C LEU D 101 -11.40 -12.91 -5.07
N ARG D 102 -10.94 -11.68 -5.13
CA ARG D 102 -11.55 -10.59 -4.42
C ARG D 102 -13.02 -10.37 -4.82
N ASP D 103 -13.38 -10.54 -6.11
CA ASP D 103 -14.77 -10.36 -6.52
C ASP D 103 -15.37 -11.51 -7.31
N GLY D 104 -14.59 -12.55 -7.56
CA GLY D 104 -15.05 -13.70 -8.27
C GLY D 104 -15.10 -13.55 -9.78
N SER D 105 -14.67 -12.43 -10.33
CA SER D 105 -14.71 -12.22 -11.79
C SER D 105 -13.57 -12.96 -12.49
N THR D 106 -13.76 -13.25 -13.76
CA THR D 106 -12.73 -13.88 -14.59
C THR D 106 -11.96 -12.86 -15.39
N LEU D 107 -10.75 -13.22 -15.80
CA LEU D 107 -9.98 -12.34 -16.68
C LEU D 107 -10.67 -12.20 -18.05
N ASN D 108 -11.21 -13.28 -18.55
CA ASN D 108 -12.03 -13.25 -19.82
C ASN D 108 -13.15 -12.20 -19.74
N GLN D 109 -13.85 -12.16 -18.63
CA GLN D 109 -14.95 -11.18 -18.46
C GLN D 109 -14.45 -9.74 -18.49
N LEU D 110 -13.32 -9.47 -17.82
CA LEU D 110 -12.75 -8.13 -17.86
C LEU D 110 -12.36 -7.73 -19.29
N LEU D 111 -11.74 -8.61 -20.00
CA LEU D 111 -11.32 -8.34 -21.39
C LEU D 111 -12.55 -8.11 -22.28
N LEU D 112 -13.62 -8.84 -22.07
CA LEU D 112 -14.87 -8.61 -22.80
C LEU D 112 -15.39 -7.20 -22.52
N GLU D 113 -15.50 -6.84 -21.26
CA GLU D 113 -16.06 -5.54 -20.88
C GLU D 113 -15.21 -4.35 -21.27
N GLU D 114 -13.91 -4.47 -21.17
CA GLU D 114 -13.03 -3.33 -21.40
C GLU D 114 -12.56 -3.18 -22.84
N ILE D 115 -12.27 -4.27 -23.49
CA ILE D 115 -11.65 -4.31 -24.81
C ILE D 115 -12.62 -4.87 -25.89
N GLY D 116 -13.73 -5.47 -25.49
CA GLY D 116 -14.69 -6.00 -26.44
C GLY D 116 -14.28 -7.26 -27.14
N VAL D 117 -13.42 -8.05 -26.51
CA VAL D 117 -12.97 -9.30 -27.05
C VAL D 117 -13.66 -10.39 -26.28
N ASP D 118 -14.30 -11.31 -26.99
CA ASP D 118 -15.11 -12.35 -26.39
C ASP D 118 -14.42 -13.67 -26.51
N LEU D 119 -13.87 -14.17 -25.40
CA LEU D 119 -12.88 -15.27 -25.46
C LEU D 119 -13.62 -16.51 -25.06
N MET E 2 -6.54 9.46 -17.32
CA MET E 2 -6.87 9.01 -18.73
C MET E 2 -7.35 10.07 -19.72
N ALA E 3 -8.30 10.96 -19.41
CA ALA E 3 -8.74 11.97 -20.39
C ALA E 3 -7.69 13.09 -20.64
N ASP E 4 -7.63 13.54 -21.88
CA ASP E 4 -6.71 14.58 -22.29
C ASP E 4 -7.37 15.94 -22.16
N ILE E 5 -7.15 16.59 -21.02
CA ILE E 5 -7.76 17.89 -20.74
C ILE E 5 -6.69 18.86 -20.29
N THR E 6 -6.94 20.14 -20.49
CA THR E 6 -6.04 21.18 -20.02
C THR E 6 -6.33 21.46 -18.55
N THR E 7 -5.44 22.22 -17.93
CA THR E 7 -5.61 22.62 -16.55
C THR E 7 -6.90 23.43 -16.37
N ALA E 8 -7.18 24.33 -17.32
CA ALA E 8 -8.41 25.13 -17.28
C ALA E 8 -9.65 24.25 -17.40
N GLU E 9 -9.58 23.24 -18.26
CA GLU E 9 -10.68 22.29 -18.42
C GLU E 9 -10.88 21.45 -17.15
N TYR E 10 -9.77 21.02 -16.55
CA TYR E 10 -9.80 20.32 -15.28
C TYR E 10 -10.53 21.14 -14.23
N HIS E 11 -10.15 22.41 -14.09
CA HIS E 11 -10.77 23.27 -13.06
C HIS E 11 -12.28 23.41 -13.24
N ARG E 12 -12.73 23.52 -14.48
CA ARG E 12 -14.16 23.61 -14.78
C ARG E 12 -14.85 22.30 -14.41
N LEU E 13 -14.30 21.17 -14.86
CA LEU E 13 -14.91 19.88 -14.54
C LEU E 13 -14.97 19.63 -13.03
N ALA E 14 -13.85 19.92 -12.35
CA ALA E 14 -13.77 19.63 -10.92
C ALA E 14 -14.70 20.56 -10.17
N ASP E 15 -14.71 21.84 -10.54
CA ASP E 15 -15.59 22.81 -9.87
C ASP E 15 -17.05 22.48 -10.06
N GLU E 16 -17.43 22.10 -11.26
CA GLU E 16 -18.82 21.65 -11.53
C GLU E 16 -19.22 20.47 -10.64
N TYR E 17 -18.36 19.46 -10.59
CA TYR E 17 -18.63 18.28 -9.76
C TYR E 17 -18.75 18.60 -8.26
N LEU E 18 -17.81 19.38 -7.74
CA LEU E 18 -17.80 19.69 -6.32
C LEU E 18 -18.92 20.65 -5.91
N ASP E 19 -19.28 21.56 -6.80
CA ASP E 19 -20.46 22.42 -6.60
C ASP E 19 -21.75 21.59 -6.49
N ALA E 20 -21.93 20.62 -7.38
CA ALA E 20 -23.07 19.71 -7.28
C ALA E 20 -23.01 18.90 -5.99
N LEU E 21 -21.82 18.40 -5.63
CA LEU E 21 -21.70 17.63 -4.41
C LEU E 21 -22.02 18.47 -3.18
N LEU E 22 -21.47 19.68 -3.17
CA LEU E 22 -21.73 20.61 -2.06
C LEU E 22 -23.24 20.83 -1.83
N SER E 23 -23.99 21.09 -2.89
CA SER E 23 -25.42 21.37 -2.69
C SER E 23 -26.18 20.14 -2.17
N ARG E 24 -25.84 18.93 -2.67
CA ARG E 24 -26.34 17.70 -2.05
C ARG E 24 -25.95 17.57 -0.57
N LEU E 25 -24.73 17.94 -0.21
CA LEU E 25 -24.30 17.81 1.19
C LEU E 25 -24.92 18.91 2.07
N GLU E 26 -25.15 20.10 1.51
CA GLU E 26 -25.90 21.13 2.23
C GLU E 26 -27.33 20.68 2.61
N GLU E 27 -28.02 19.94 1.72
CA GLU E 27 -29.31 19.37 2.07
C GLU E 27 -29.17 18.41 3.27
N LEU E 28 -28.14 17.56 3.21
CA LEU E 28 -27.86 16.60 4.26
C LEU E 28 -27.52 17.28 5.60
N GLN E 29 -26.76 18.38 5.52
CA GLN E 29 -26.42 19.18 6.69
C GLN E 29 -27.65 19.66 7.44
N ASP E 30 -28.67 20.12 6.68
CA ASP E 30 -29.88 20.68 7.27
C ASP E 30 -30.71 19.62 7.98
N GLU E 31 -30.73 18.39 7.49
CA GLU E 31 -31.64 17.44 8.12
C GLU E 31 -30.98 16.47 9.07
N ARG E 32 -29.67 16.58 9.23
CA ARG E 32 -28.97 15.74 10.24
C ARG E 32 -28.18 16.64 11.21
N GLU E 33 -28.30 16.28 12.49
CA GLU E 33 -27.94 17.16 13.60
C GLU E 33 -26.42 17.37 13.72
N ASP E 34 -25.63 16.34 13.37
CA ASP E 34 -24.18 16.35 13.66
C ASP E 34 -23.32 16.67 12.42
N VAL E 35 -23.94 17.11 11.32
CA VAL E 35 -23.26 17.23 10.03
C VAL E 35 -22.89 18.67 9.76
N ASP E 36 -21.60 18.96 9.48
CA ASP E 36 -21.18 20.24 8.96
C ASP E 36 -20.46 20.07 7.61
N VAL E 37 -20.75 20.96 6.67
CA VAL E 37 -20.09 21.01 5.39
C VAL E 37 -19.41 22.34 5.21
N GLU E 38 -18.20 22.33 4.68
CA GLU E 38 -17.51 23.57 4.29
C GLU E 38 -16.93 23.36 2.89
N TYR E 39 -16.77 24.45 2.14
CA TYR E 39 -16.04 24.42 0.88
C TYR E 39 -15.24 25.69 0.72
N GLN E 40 -13.92 25.58 0.67
CA GLN E 40 -13.02 26.74 0.69
C GLN E 40 -11.71 26.36 0.04
N SER E 41 -11.26 27.17 -0.92
CA SER E 41 -9.97 26.98 -1.57
C SER E 41 -9.80 25.57 -2.16
N GLY E 42 -10.83 25.10 -2.84
CA GLY E 42 -10.83 23.81 -3.52
C GLY E 42 -10.87 22.57 -2.62
N VAL E 43 -11.21 22.77 -1.34
CA VAL E 43 -11.30 21.70 -0.38
C VAL E 43 -12.69 21.62 0.21
N LEU E 44 -13.35 20.48 0.03
CA LEU E 44 -14.67 20.22 0.59
C LEU E 44 -14.51 19.38 1.86
N THR E 45 -15.05 19.88 2.95
CA THR E 45 -14.99 19.23 4.25
C THR E 45 -16.40 18.73 4.59
N LEU E 46 -16.52 17.47 4.99
CA LEU E 46 -17.76 16.94 5.48
C LEU E 46 -17.54 16.27 6.80
N ASN E 47 -17.83 16.98 7.87
CA ASN E 47 -17.70 16.46 9.22
C ASN E 47 -19.04 15.82 9.61
N MET E 48 -19.06 14.51 9.75
CA MET E 48 -20.28 13.77 10.10
C MET E 48 -20.37 13.56 11.61
N GLY E 49 -19.56 14.26 12.40
CA GLY E 49 -19.63 14.18 13.84
C GLY E 49 -18.63 13.22 14.45
N PRO E 50 -18.63 13.16 15.79
CA PRO E 50 -17.56 12.55 16.56
C PRO E 50 -17.48 11.03 16.46
N GLU E 51 -18.60 10.36 16.19
CA GLU E 51 -18.61 8.90 16.02
C GLU E 51 -18.27 8.49 14.58
N VAL E 52 -18.81 9.19 13.60
CA VAL E 52 -18.65 8.85 12.19
C VAL E 52 -17.27 9.30 11.65
N GLY E 53 -16.92 10.57 11.87
CA GLY E 53 -15.65 11.09 11.42
C GLY E 53 -15.83 12.11 10.33
N THR E 54 -14.73 12.47 9.71
CA THR E 54 -14.67 13.56 8.77
C THR E 54 -14.18 13.10 7.42
N TYR E 55 -14.87 13.51 6.36
CA TYR E 55 -14.48 13.30 4.98
C TYR E 55 -13.77 14.55 4.50
N VAL E 56 -12.72 14.40 3.74
CA VAL E 56 -12.12 15.50 3.01
C VAL E 56 -12.04 15.16 1.54
N ILE E 57 -12.50 16.07 0.68
CA ILE E 57 -12.49 15.90 -0.76
C ILE E 57 -11.92 17.16 -1.38
N ASN E 58 -10.80 17.07 -2.10
CA ASN E 58 -10.07 18.27 -2.52
C ASN E 58 -9.53 18.17 -3.92
N LYS E 59 -9.58 19.27 -4.63
CA LYS E 59 -8.83 19.40 -5.86
C LYS E 59 -7.30 19.29 -5.55
N GLN E 60 -6.60 18.57 -6.42
CA GLN E 60 -5.18 18.55 -6.44
C GLN E 60 -4.73 18.99 -7.85
N PRO E 61 -4.72 20.31 -8.10
CA PRO E 61 -4.59 20.83 -9.45
C PRO E 61 -3.36 20.41 -10.26
N PRO E 62 -2.15 20.36 -9.67
CA PRO E 62 -1.00 19.88 -10.44
C PRO E 62 -1.13 18.49 -11.04
N ASN E 63 -1.96 17.62 -10.44
CA ASN E 63 -2.16 16.25 -10.98
C ASN E 63 -3.48 16.16 -11.76
N LYS E 64 -4.25 17.25 -11.82
CA LYS E 64 -5.60 17.21 -12.40
C LYS E 64 -6.47 16.08 -11.83
N GLN E 65 -6.44 15.96 -10.51
CA GLN E 65 -7.14 14.90 -9.78
C GLN E 65 -8.01 15.50 -8.72
N ILE E 66 -8.93 14.70 -8.21
CA ILE E 66 -9.63 14.98 -7.00
C ILE E 66 -9.22 13.92 -6.01
N TRP E 67 -8.78 14.35 -4.82
CA TRP E 67 -8.24 13.47 -3.81
C TRP E 67 -9.29 13.35 -2.72
N LEU E 68 -9.28 12.26 -1.99
CA LEU E 68 -10.32 11.94 -1.04
C LEU E 68 -9.73 11.29 0.19
N SER E 69 -10.28 11.58 1.34
CA SER E 69 -10.04 10.91 2.57
C SER E 69 -11.37 10.51 3.18
N SER E 70 -11.59 9.23 3.46
CA SER E 70 -12.78 8.73 4.11
C SER E 70 -12.48 8.05 5.43
N PRO E 71 -13.30 8.31 6.45
CA PRO E 71 -13.18 7.61 7.73
C PRO E 71 -13.59 6.14 7.68
N LYS E 72 -14.28 5.70 6.64
CA LYS E 72 -14.65 4.28 6.49
C LYS E 72 -13.69 3.52 5.64
N SER E 73 -13.14 4.17 4.62
CA SER E 73 -12.36 3.45 3.59
C SER E 73 -11.02 4.08 3.19
N GLY E 74 -10.61 5.15 3.86
CA GLY E 74 -9.24 5.67 3.73
C GLY E 74 -9.04 6.62 2.55
N PRO E 75 -7.80 6.72 2.07
CA PRO E 75 -7.47 7.73 1.06
C PRO E 75 -7.54 7.20 -0.37
N LYS E 76 -7.95 8.05 -1.29
CA LYS E 76 -8.02 7.70 -2.72
C LYS E 76 -7.73 8.92 -3.57
N ARG E 77 -7.30 8.71 -4.79
CA ARG E 77 -7.09 9.74 -5.76
C ARG E 77 -7.83 9.43 -7.06
N TYR E 78 -8.62 10.37 -7.53
CA TYR E 78 -9.49 10.17 -8.68
C TYR E 78 -8.96 10.92 -9.90
N ASP E 79 -8.82 10.18 -10.99
CA ASP E 79 -8.56 10.77 -12.32
C ASP E 79 -9.86 10.96 -13.08
N TYR E 80 -9.86 11.94 -13.97
CA TYR E 80 -10.98 12.12 -14.90
C TYR E 80 -10.78 11.21 -16.11
N VAL E 81 -11.65 10.21 -16.23
CA VAL E 81 -11.44 9.05 -17.09
C VAL E 81 -12.72 8.87 -17.92
N ILE E 82 -12.93 9.66 -18.97
CA ILE E 82 -13.75 9.21 -20.12
C ILE E 82 -13.75 7.69 -20.33
N GLY E 96 -17.35 11.26 -19.24
CA GLY E 96 -16.24 11.09 -18.28
C GLY E 96 -16.70 10.96 -16.84
N GLU E 97 -15.92 10.22 -16.07
CA GLU E 97 -16.13 10.02 -14.65
C GLU E 97 -14.83 10.12 -13.86
N TRP E 98 -14.99 10.31 -12.54
CA TRP E 98 -13.87 10.37 -11.61
C TRP E 98 -13.61 8.96 -11.10
N VAL E 99 -12.46 8.39 -11.49
CA VAL E 99 -12.12 7.00 -11.20
C VAL E 99 -10.82 6.86 -10.40
N TYR E 100 -10.84 5.98 -9.40
CA TYR E 100 -9.65 5.59 -8.68
C TYR E 100 -9.00 4.45 -9.45
N LEU E 101 -7.93 4.75 -10.18
CA LEU E 101 -7.34 3.76 -11.08
C LEU E 101 -6.71 2.55 -10.40
N ARG E 102 -6.40 2.65 -9.12
CA ARG E 102 -5.93 1.51 -8.39
C ARG E 102 -6.95 0.36 -8.33
N ASP E 103 -8.24 0.63 -8.30
CA ASP E 103 -9.25 -0.47 -8.35
C ASP E 103 -10.36 -0.31 -9.33
N GLY E 104 -10.37 0.76 -10.08
CA GLY E 104 -11.40 1.05 -11.07
C GLY E 104 -12.71 1.59 -10.51
N SER E 105 -12.79 1.85 -9.20
CA SER E 105 -14.02 2.39 -8.60
C SER E 105 -14.21 3.86 -8.86
N THR E 106 -15.48 4.30 -8.86
CA THR E 106 -15.80 5.68 -9.13
C THR E 106 -16.05 6.41 -7.81
N LEU E 107 -15.85 7.72 -7.85
CA LEU E 107 -16.15 8.57 -6.73
C LEU E 107 -17.65 8.59 -6.47
N ASN E 108 -18.46 8.63 -7.54
CA ASN E 108 -19.93 8.52 -7.43
C ASN E 108 -20.36 7.32 -6.62
N GLN E 109 -19.76 6.18 -6.92
CA GLN E 109 -20.11 4.97 -6.22
C GLN E 109 -19.80 5.01 -4.73
N LEU E 110 -18.63 5.54 -4.39
CA LEU E 110 -18.26 5.66 -2.99
C LEU E 110 -19.22 6.55 -2.23
N LEU E 111 -19.56 7.69 -2.81
CA LEU E 111 -20.47 8.62 -2.13
C LEU E 111 -21.85 8.00 -1.95
N LEU E 112 -22.30 7.25 -2.95
CA LEU E 112 -23.59 6.59 -2.83
C LEU E 112 -23.59 5.58 -1.69
N GLU E 113 -22.59 4.71 -1.68
CA GLU E 113 -22.51 3.65 -0.71
C GLU E 113 -22.24 4.09 0.69
N GLU E 114 -21.42 5.11 0.87
CA GLU E 114 -20.99 5.47 2.23
C GLU E 114 -21.88 6.53 2.85
N ILE E 115 -22.30 7.50 2.05
CA ILE E 115 -22.97 8.68 2.54
C ILE E 115 -24.44 8.77 2.06
N GLY E 116 -24.84 7.91 1.09
CA GLY E 116 -26.18 7.97 0.54
C GLY E 116 -26.43 9.16 -0.35
N VAL E 117 -25.39 9.67 -1.00
CA VAL E 117 -25.54 10.77 -1.93
C VAL E 117 -25.44 10.21 -3.33
N ASP E 118 -26.45 10.52 -4.15
CA ASP E 118 -26.52 10.02 -5.48
C ASP E 118 -26.31 11.20 -6.43
N LEU E 119 -25.15 11.29 -7.04
CA LEU E 119 -24.82 12.37 -7.96
C LEU E 119 -24.89 11.86 -9.38
N ASN E 120 -25.39 12.70 -10.31
CA ASN E 120 -25.24 12.44 -11.77
C ASN E 120 -24.08 13.21 -12.44
N VAL E 121 -24.29 14.48 -12.79
CA VAL E 121 -23.21 15.40 -13.22
C VAL E 121 -22.02 14.96 -14.11
N MET F 2 1.75 3.60 21.10
CA MET F 2 0.57 4.49 21.03
C MET F 2 0.03 4.80 22.45
N ALA F 3 -0.19 6.08 22.71
CA ALA F 3 -0.58 6.60 24.03
C ALA F 3 -2.02 6.26 24.42
N ASP F 4 -2.20 5.99 25.70
CA ASP F 4 -3.54 5.74 26.28
C ASP F 4 -4.14 7.06 26.71
N ILE F 5 -4.96 7.63 25.84
CA ILE F 5 -5.57 8.93 26.09
C ILE F 5 -7.05 8.84 25.81
N THR F 6 -7.83 9.67 26.48
CA THR F 6 -9.26 9.74 26.25
C THR F 6 -9.53 10.60 25.02
N THR F 7 -10.77 10.55 24.55
CA THR F 7 -11.20 11.36 23.44
C THR F 7 -11.03 12.84 23.75
N ALA F 8 -11.39 13.24 24.98
CA ALA F 8 -11.22 14.63 25.41
C ALA F 8 -9.77 15.04 25.43
N GLU F 9 -8.89 14.15 25.89
CA GLU F 9 -7.46 14.41 25.88
C GLU F 9 -6.90 14.53 24.46
N TYR F 10 -7.36 13.64 23.58
CA TYR F 10 -7.02 13.70 22.17
C TYR F 10 -7.37 15.07 21.59
N HIS F 11 -8.60 15.53 21.83
CA HIS F 11 -9.05 16.82 21.26
C HIS F 11 -8.18 17.98 21.72
N ARG F 12 -7.78 17.97 22.99
CA ARG F 12 -6.90 19.02 23.53
C ARG F 12 -5.55 18.96 22.87
N LEU F 13 -4.95 17.77 22.81
CA LEU F 13 -3.64 17.61 22.17
C LEU F 13 -3.67 18.02 20.70
N ALA F 14 -4.69 17.57 19.98
CA ALA F 14 -4.75 17.83 18.55
C ALA F 14 -5.02 19.30 18.31
N ASP F 15 -5.92 19.89 19.09
CA ASP F 15 -6.22 21.32 18.94
C ASP F 15 -5.02 22.18 19.24
N GLU F 16 -4.28 21.86 20.30
CA GLU F 16 -3.05 22.57 20.62
C GLU F 16 -2.04 22.52 19.47
N TYR F 17 -1.81 21.31 18.94
CA TYR F 17 -0.88 21.14 17.84
C TYR F 17 -1.28 21.90 16.58
N LEU F 18 -2.52 21.79 16.19
CA LEU F 18 -2.99 22.42 14.96
C LEU F 18 -3.09 23.94 15.07
N ASP F 19 -3.43 24.43 16.27
CA ASP F 19 -3.38 25.89 16.55
C ASP F 19 -1.96 26.43 16.38
N ALA F 20 -0.97 25.73 16.93
CA ALA F 20 0.43 26.13 16.72
C ALA F 20 0.81 26.06 15.27
N LEU F 21 0.40 24.99 14.57
CA LEU F 21 0.73 24.85 13.15
C LEU F 21 0.08 25.97 12.35
N LEU F 22 -1.18 26.24 12.62
CA LEU F 22 -1.90 27.31 11.94
C LEU F 22 -1.20 28.66 12.06
N SER F 23 -0.76 29.04 13.26
CA SER F 23 -0.11 30.36 13.40
C SER F 23 1.23 30.42 12.66
N ARG F 24 2.01 29.34 12.69
CA ARG F 24 3.19 29.22 11.79
C ARG F 24 2.83 29.34 10.32
N LEU F 25 1.73 28.73 9.88
CA LEU F 25 1.34 28.81 8.47
C LEU F 25 0.75 30.17 8.11
N GLU F 26 0.05 30.81 9.04
CA GLU F 26 -0.39 32.20 8.85
C GLU F 26 0.80 33.16 8.61
N GLU F 27 1.92 32.98 9.35
CA GLU F 27 3.14 33.75 9.04
C GLU F 27 3.58 33.51 7.61
N LEU F 28 3.61 32.26 7.19
CA LEU F 28 4.00 31.88 5.84
C LEU F 28 3.06 32.45 4.78
N GLN F 29 1.78 32.45 5.07
CA GLN F 29 0.76 33.06 4.20
C GLN F 29 1.05 34.54 3.93
N ASP F 30 1.47 35.27 4.97
CA ASP F 30 1.74 36.71 4.84
C ASP F 30 2.99 36.98 4.00
N GLU F 31 3.99 36.12 4.09
CA GLU F 31 5.25 36.33 3.39
C GLU F 31 5.25 35.85 1.94
N ARG F 32 4.37 34.92 1.59
CA ARG F 32 4.38 34.31 0.24
C ARG F 32 3.04 34.53 -0.45
N GLU F 33 3.13 34.96 -1.71
CA GLU F 33 1.97 35.38 -2.49
C GLU F 33 1.01 34.24 -2.83
N ASP F 34 1.55 33.02 -3.00
CA ASP F 34 0.76 31.89 -3.51
C ASP F 34 0.20 30.96 -2.41
N VAL F 35 0.41 31.30 -1.12
CA VAL F 35 0.03 30.46 -0.02
C VAL F 35 -1.26 30.95 0.61
N ASP F 36 -2.26 30.07 0.72
CA ASP F 36 -3.45 30.34 1.52
C ASP F 36 -3.68 29.24 2.53
N VAL F 37 -4.01 29.63 3.76
CA VAL F 37 -4.26 28.71 4.85
C VAL F 37 -5.66 28.93 5.35
N GLU F 38 -6.38 27.86 5.65
CA GLU F 38 -7.67 27.92 6.34
C GLU F 38 -7.69 26.87 7.43
N TYR F 39 -8.51 27.06 8.46
CA TYR F 39 -8.72 26.09 9.51
C TYR F 39 -10.16 26.16 9.99
N GLN F 40 -10.93 25.09 9.80
CA GLN F 40 -12.38 25.10 10.02
C GLN F 40 -12.87 23.68 10.21
N SER F 41 -13.62 23.45 11.30
CA SER F 41 -14.21 22.16 11.59
C SER F 41 -13.16 21.03 11.63
N GLY F 42 -12.04 21.29 12.28
CA GLY F 42 -10.95 20.36 12.45
C GLY F 42 -10.13 20.01 11.21
N VAL F 43 -10.26 20.81 10.16
CA VAL F 43 -9.55 20.60 8.92
C VAL F 43 -8.68 21.82 8.60
N LEU F 44 -7.38 21.61 8.48
CA LEU F 44 -6.44 22.63 8.09
C LEU F 44 -6.13 22.45 6.59
N THR F 45 -6.34 23.50 5.83
CA THR F 45 -6.07 23.54 4.40
C THR F 45 -4.86 24.42 4.16
N LEU F 46 -3.89 23.93 3.38
CA LEU F 46 -2.76 24.72 2.99
C LEU F 46 -2.59 24.62 1.49
N ASN F 47 -3.08 25.62 0.78
CA ASN F 47 -2.94 25.69 -0.65
C ASN F 47 -1.66 26.44 -1.00
N MET F 48 -0.68 25.74 -1.54
CA MET F 48 0.62 26.33 -1.89
C MET F 48 0.64 26.80 -3.35
N GLY F 49 -0.52 26.89 -3.99
CA GLY F 49 -0.59 27.40 -5.33
C GLY F 49 -0.62 26.32 -6.39
N PRO F 50 -0.77 26.74 -7.65
CA PRO F 50 -1.10 25.86 -8.77
C PRO F 50 0.01 24.91 -9.19
N GLU F 51 1.27 25.27 -8.94
CA GLU F 51 2.40 24.37 -9.27
C GLU F 51 2.67 23.37 -8.13
N VAL F 52 2.62 23.82 -6.88
CA VAL F 52 2.96 22.99 -5.73
C VAL F 52 1.78 22.05 -5.34
N GLY F 53 0.58 22.61 -5.19
CA GLY F 53 -0.57 21.85 -4.83
C GLY F 53 -1.04 22.17 -3.44
N THR F 54 -1.92 21.32 -2.93
CA THR F 54 -2.66 21.58 -1.72
C THR F 54 -2.41 20.49 -0.69
N TYR F 55 -2.14 20.90 0.55
CA TYR F 55 -1.98 20.02 1.68
C TYR F 55 -3.30 20.04 2.42
N VAL F 56 -3.72 18.89 2.94
CA VAL F 56 -4.82 18.84 3.89
C VAL F 56 -4.37 18.12 5.14
N ILE F 57 -4.64 18.70 6.30
CA ILE F 57 -4.34 18.12 7.60
C ILE F 57 -5.57 18.19 8.47
N ASN F 58 -6.09 17.06 8.93
CA ASN F 58 -7.39 17.03 9.61
C ASN F 58 -7.43 16.11 10.78
N LYS F 59 -8.12 16.53 11.82
CA LYS F 59 -8.52 15.62 12.89
C LYS F 59 -9.43 14.54 12.34
N GLN F 60 -9.19 13.31 12.80
CA GLN F 60 -10.08 12.19 12.59
C GLN F 60 -10.45 11.65 13.98
N PRO F 61 -11.42 12.31 14.65
CA PRO F 61 -11.68 12.05 16.07
C PRO F 61 -12.00 10.63 16.49
N PRO F 62 -12.83 9.88 15.73
CA PRO F 62 -13.10 8.49 16.13
C PRO F 62 -11.85 7.61 16.23
N ASN F 63 -10.78 7.92 15.52
CA ASN F 63 -9.52 7.13 15.57
C ASN F 63 -8.49 7.81 16.46
N LYS F 64 -8.80 8.99 17.00
CA LYS F 64 -7.83 9.77 17.75
C LYS F 64 -6.52 9.99 16.99
N GLN F 65 -6.66 10.34 15.71
CA GLN F 65 -5.55 10.53 14.79
C GLN F 65 -5.62 11.88 14.15
N ILE F 66 -4.50 12.30 13.57
CA ILE F 66 -4.48 13.38 12.64
C ILE F 66 -4.09 12.79 11.29
N TRP F 67 -4.86 13.09 10.27
CA TRP F 67 -4.70 12.53 8.95
C TRP F 67 -4.12 13.61 8.07
N LEU F 68 -3.40 13.21 7.03
CA LEU F 68 -2.66 14.13 6.20
C LEU F 68 -2.75 13.71 4.76
N SER F 69 -2.79 14.68 3.86
CA SER F 69 -2.63 14.50 2.47
C SER F 69 -1.58 15.50 1.95
N SER F 70 -0.52 15.02 1.30
CA SER F 70 0.54 15.85 0.77
C SER F 70 0.66 15.67 -0.75
N PRO F 71 0.80 16.76 -1.50
CA PRO F 71 1.05 16.69 -2.94
C PRO F 71 2.42 16.14 -3.31
N LYS F 72 3.36 16.07 -2.38
CA LYS F 72 4.69 15.51 -2.65
C LYS F 72 4.78 14.08 -2.26
N SER F 73 4.14 13.69 -1.16
CA SER F 73 4.36 12.37 -0.56
C SER F 73 3.07 11.57 -0.18
N GLY F 74 1.89 12.09 -0.51
CA GLY F 74 0.67 11.33 -0.42
C GLY F 74 0.01 11.31 0.94
N PRO F 75 -0.81 10.29 1.19
CA PRO F 75 -1.63 10.26 2.41
C PRO F 75 -0.95 9.55 3.57
N LYS F 76 -1.20 10.04 4.79
CA LYS F 76 -0.65 9.45 6.01
C LYS F 76 -1.64 9.62 7.16
N ARG F 77 -1.54 8.77 8.16
CA ARG F 77 -2.32 8.88 9.37
C ARG F 77 -1.42 8.85 10.58
N TYR F 78 -1.55 9.83 11.45
CA TYR F 78 -0.66 9.99 12.60
C TYR F 78 -1.36 9.63 13.90
N ASP F 79 -0.73 8.73 14.66
CA ASP F 79 -1.12 8.44 16.04
C ASP F 79 -0.33 9.26 17.04
N TYR F 80 -0.92 9.53 18.20
CA TYR F 80 -0.19 10.17 19.30
C TYR F 80 0.55 9.10 20.08
N VAL F 81 1.88 9.14 20.01
CA VAL F 81 2.76 8.04 20.41
C VAL F 81 3.80 8.60 21.36
N ILE F 82 3.49 8.70 22.66
CA ILE F 82 4.53 8.86 23.70
C ILE F 82 5.19 7.55 24.10
N GLY F 96 5.02 13.16 24.08
CA GLY F 96 4.48 12.44 22.94
C GLY F 96 4.65 13.17 21.62
N GLU F 97 4.57 12.39 20.55
CA GLU F 97 4.67 12.89 19.17
C GLU F 97 3.62 12.26 18.26
N TRP F 98 3.35 12.94 17.15
CA TRP F 98 2.46 12.45 16.11
C TRP F 98 3.24 11.62 15.12
N VAL F 99 3.01 10.31 15.12
CA VAL F 99 3.80 9.35 14.34
C VAL F 99 2.96 8.56 13.36
N TYR F 100 3.47 8.41 12.14
CA TYR F 100 2.90 7.52 11.14
C TYR F 100 3.47 6.14 11.38
N LEU F 101 2.69 5.25 11.98
CA LEU F 101 3.20 3.95 12.41
C LEU F 101 3.60 3.02 11.27
N ARG F 102 3.13 3.26 10.06
CA ARG F 102 3.58 2.51 8.93
C ARG F 102 5.11 2.63 8.67
N ASP F 103 5.70 3.79 8.91
CA ASP F 103 7.17 3.92 8.74
C ASP F 103 7.93 4.53 9.89
N GLY F 104 7.24 4.88 10.95
CA GLY F 104 7.85 5.50 12.11
C GLY F 104 8.14 6.98 11.99
N SER F 105 7.81 7.62 10.87
CA SER F 105 8.07 9.05 10.70
C SER F 105 7.13 9.95 11.48
N THR F 106 7.60 11.14 11.81
CA THR F 106 6.81 12.09 12.57
C THR F 106 6.20 13.12 11.63
N LEU F 107 5.08 13.70 12.07
CA LEU F 107 4.44 14.76 11.35
C LEU F 107 5.34 16.00 11.35
N ASN F 108 5.99 16.27 12.50
CA ASN F 108 6.99 17.38 12.58
C ASN F 108 8.03 17.27 11.49
N GLN F 109 8.56 16.07 11.29
CA GLN F 109 9.63 15.89 10.31
C GLN F 109 9.14 16.15 8.89
N LEU F 110 7.94 15.68 8.56
CA LEU F 110 7.39 15.93 7.24
C LEU F 110 7.23 17.42 6.97
N LEU F 111 6.66 18.13 7.94
CA LEU F 111 6.44 19.58 7.76
C LEU F 111 7.76 20.32 7.58
N LEU F 112 8.78 19.89 8.35
CA LEU F 112 10.09 20.53 8.24
C LEU F 112 10.65 20.32 6.84
N GLU F 113 10.67 19.08 6.38
CA GLU F 113 11.29 18.74 5.12
C GLU F 113 10.57 19.26 3.91
N GLU F 114 9.24 19.28 3.95
CA GLU F 114 8.50 19.60 2.74
C GLU F 114 8.15 21.07 2.64
N ILE F 115 7.86 21.75 3.73
CA ILE F 115 7.49 23.14 3.62
C ILE F 115 8.30 24.08 4.53
N GLY F 116 9.28 23.53 5.22
CA GLY F 116 10.21 24.38 5.97
C GLY F 116 9.61 24.95 7.23
N VAL F 117 8.65 24.25 7.82
CA VAL F 117 8.02 24.68 9.04
C VAL F 117 8.58 23.82 10.16
N ASP F 118 9.10 24.46 11.20
CA ASP F 118 9.77 23.79 12.28
C ASP F 118 8.86 23.95 13.52
N LEU F 119 8.19 22.89 13.88
CA LEU F 119 7.11 22.97 14.86
C LEU F 119 7.61 22.17 16.05
N ASN F 120 7.50 22.72 17.26
CA ASN F 120 7.58 21.89 18.50
C ASN F 120 6.38 22.23 19.36
N VAL F 121 5.29 21.44 19.29
CA VAL F 121 4.16 21.58 20.25
C VAL F 121 4.42 20.63 21.40
C1 MLA G . -2.03 3.13 -7.96
O1A MLA G . -2.41 4.30 -7.85
O1B MLA G . -1.39 2.65 -7.00
C2 MLA G . -2.54 2.37 -9.21
C3 MLA G . -1.66 1.59 -10.17
O3A MLA G . -0.57 1.12 -9.72
O3B MLA G . -2.10 1.40 -11.36
C1 MLA H . -2.57 5.30 5.33
O1A MLA H . -2.68 4.10 5.63
O1B MLA H . -1.52 5.50 4.67
C2 MLA H . -3.48 6.56 5.56
C3 MLA H . -4.93 6.52 6.02
O3A MLA H . -5.66 7.56 6.04
O3B MLA H . -5.37 5.43 6.37
C1 MLA I . -0.09 0.45 8.56
O1A MLA I . -0.19 0.01 7.40
O1B MLA I . -0.90 1.37 8.81
C2 MLA I . 0.99 0.06 9.63
C3 MLA I . 1.22 -1.40 10.02
O3A MLA I . 1.87 -1.65 11.12
O3B MLA I . 0.82 -2.29 9.18
C1 MLA J . -3.22 9.33 -2.97
O1A MLA J . -3.92 10.26 -2.45
O1B MLA J . -2.09 9.65 -3.50
C2 MLA J . -3.95 7.98 -2.80
C3 MLA J . -3.57 6.50 -3.12
O3A MLA J . -2.65 6.00 -3.82
O3B MLA J . -4.35 5.65 -2.61
#